data_4XPS
#
_entry.id   4XPS
#
_cell.length_a   111.954
_cell.length_b   111.954
_cell.length_c   113.991
_cell.angle_alpha   90.00
_cell.angle_beta   90.00
_cell.angle_gamma   90.00
#
_symmetry.space_group_name_H-M   'P 43 21 2'
#
loop_
_entity.id
_entity.type
_entity.pdbx_description
1 polymer Alpha-glucosidase
2 non-polymer alpha-D-galactopyranose
3 non-polymer P-NITROPHENOL
4 non-polymer 1,2-ETHANEDIOL
5 water water
#
_entity_poly.entity_id   1
_entity_poly.type   'polypeptide(L)'
_entity_poly.pdbx_seq_one_letter_code
;MGSSHHHHHHSSGLVPRGSHMASSHAQTANWTEIYPGVWKATVGKPESYDLLKAAGAQPNKDALSKTEKVSFPFANGGVS
LEVSGGKTYLRFPLQKEEQLYGFGLNFQTVHQRGKILELHVDHYGGKDSGRTHAPTPFYVSSNGYGVFINSARYIKVWAG
TGVRKDSENFPTPKDRNTDKTWSSRPYSDAVEILVPAEGVEVYVFGGPKPIDAVKRYNLLNGGGYLPPRWGLGFTQRVMT
RYTDKDVEKEVNDFKEKGYPLDFVGLEPGWQSKAYPGTFSWDKSRYPDPTSFVKKMKDQGIRLNLWINPYISPDAPFYKE
IKPYTGSHTVWLGLVPDFTMAEARKPFFNQLLKDQIERGVSGYKIAEVDGYDYYLWPDAAKFPSGLSAEQMRQTYGLLVQ
RYSAELYKQRNERTFGLVRASNGGGTSFPYVIYNDYYNHQDFITALINSGFAGVLWTPEVRASKSGEEWLRRFQSNVFSP
MAMINAWASGTKPWSYPEVEADVKKFALLRMQMMPYWYSAFARYHFEGMPPFRGMGLEEGFRQDAKVEKLNKVNLEENPY
AEAASKEIKDQYMAGDDLLVAPMFAGEKSRKVVLPKGKWYDFYTGEYAGDGEVLDVTPGLDKIPVYVRDGGIVPMMPALL
NSPKSNQKVDLEIRYYGNKPGEFKLYDDDGETFNYEKGDFSWRTIRVEKDKSGKVKGSISAAVKGKVNTVGKVTFTAMTK
;
_entity_poly.pdbx_strand_id   A
#
# COMPACT_ATOMS: atom_id res chain seq x y z
N ASN A 30 0.00 5.49 32.28
CA ASN A 30 0.47 4.06 32.38
C ASN A 30 -0.04 3.17 31.25
N TRP A 31 0.70 2.11 30.98
CA TRP A 31 0.50 1.30 29.80
C TRP A 31 -0.39 0.10 30.07
N THR A 32 -1.57 0.07 29.47
CA THR A 32 -2.43 -1.09 29.53
C THR A 32 -2.07 -2.05 28.40
N GLU A 33 -1.75 -3.28 28.75
CA GLU A 33 -1.55 -4.30 27.73
C GLU A 33 -2.92 -4.63 27.20
N ILE A 34 -3.24 -4.13 26.01
CA ILE A 34 -4.59 -4.35 25.47
C ILE A 34 -4.72 -5.60 24.60
N TYR A 35 -3.60 -6.17 24.19
CA TYR A 35 -3.58 -7.36 23.36
C TYR A 35 -2.20 -7.88 23.52
N PRO A 36 -1.97 -9.11 23.09
CA PRO A 36 -0.60 -9.59 23.13
C PRO A 36 0.34 -8.68 22.33
N GLY A 37 1.34 -8.14 23.03
CA GLY A 37 2.36 -7.29 22.42
C GLY A 37 1.87 -5.91 22.02
N VAL A 38 0.76 -5.47 22.57
CA VAL A 38 0.20 -4.19 22.27
C VAL A 38 -0.20 -3.46 23.56
N TRP A 39 0.44 -2.31 23.79
CA TRP A 39 0.22 -1.49 24.96
C TRP A 39 -0.26 -0.09 24.57
N LYS A 40 -1.18 0.43 25.37
CA LYS A 40 -1.79 1.71 25.13
C LYS A 40 -1.65 2.61 26.37
N ALA A 41 -1.27 3.86 26.11
CA ALA A 41 -1.16 4.90 27.14
C ALA A 41 -2.04 6.05 26.69
N THR A 42 -2.81 6.61 27.62
CA THR A 42 -3.53 7.87 27.38
C THR A 42 -2.81 8.95 28.17
N VAL A 43 -2.27 9.94 27.46
CA VAL A 43 -1.55 11.06 28.08
C VAL A 43 -2.46 12.26 28.03
N GLY A 44 -2.65 12.91 29.19
CA GLY A 44 -3.46 14.14 29.28
C GLY A 44 -4.88 13.93 28.84
N LYS A 45 -5.42 14.89 28.10
CA LYS A 45 -6.76 14.86 27.57
C LYS A 45 -6.68 14.70 26.06
N PRO A 46 -6.92 13.49 25.54
CA PRO A 46 -6.81 13.30 24.10
C PRO A 46 -7.92 13.98 23.40
N GLU A 47 -7.74 14.36 22.15
CA GLU A 47 -8.81 14.96 21.42
C GLU A 47 -9.86 13.91 21.06
N SER A 48 -11.08 14.36 20.75
CA SER A 48 -12.21 13.44 20.56
C SER A 48 -12.21 12.89 19.15
N TYR A 49 -11.45 13.51 18.25
CA TYR A 49 -11.21 13.00 16.91
C TYR A 49 -9.73 12.59 16.78
N ASP A 50 -9.47 11.51 16.08
CA ASP A 50 -8.09 11.04 15.88
C ASP A 50 -8.08 10.09 14.67
N LEU A 51 -6.92 9.48 14.36
CA LEU A 51 -6.80 8.66 13.15
C LEU A 51 -7.66 7.38 13.16
N LEU A 52 -7.59 6.61 14.24
CA LEU A 52 -8.36 5.37 14.38
C LEU A 52 -9.86 5.61 14.30
N LYS A 53 -10.31 6.66 14.98
CA LYS A 53 -11.70 7.12 14.93
C LYS A 53 -12.13 7.59 13.55
N ALA A 54 -11.33 8.45 12.93
CA ALA A 54 -11.61 8.88 11.55
C ALA A 54 -11.82 7.69 10.63
N ALA A 55 -10.99 6.68 10.82
CA ALA A 55 -10.96 5.52 9.97
C ALA A 55 -12.09 4.54 10.29
N GLY A 56 -12.55 4.52 11.53
CA GLY A 56 -13.58 3.56 11.97
C GLY A 56 -12.93 2.19 12.01
N ALA A 57 -11.67 2.22 12.40
CA ALA A 57 -10.75 1.13 12.27
C ALA A 57 -11.00 0.15 13.40
N GLN A 58 -11.29 -1.09 13.06
CA GLN A 58 -11.62 -2.12 14.06
C GLN A 58 -10.44 -3.07 14.27
N PRO A 59 -9.97 -3.24 15.52
CA PRO A 59 -8.86 -4.20 15.61
C PRO A 59 -9.27 -5.64 15.26
N ASN A 60 -8.37 -6.42 14.67
CA ASN A 60 -8.64 -7.85 14.52
C ASN A 60 -8.22 -8.56 15.79
N LYS A 61 -9.15 -8.64 16.73
CA LYS A 61 -8.91 -9.19 18.08
C LYS A 61 -8.43 -10.64 18.04
N ASP A 62 -9.14 -11.45 17.26
CA ASP A 62 -8.79 -12.85 17.04
C ASP A 62 -7.35 -13.09 16.57
N ALA A 63 -6.90 -12.39 15.52
CA ALA A 63 -5.53 -12.55 15.03
C ALA A 63 -4.52 -12.08 16.06
N LEU A 64 -4.87 -10.98 16.73
CA LEU A 64 -3.99 -10.41 17.76
C LEU A 64 -3.81 -11.35 18.95
N SER A 65 -4.91 -11.92 19.40
CA SER A 65 -4.91 -12.90 20.51
C SER A 65 -3.98 -14.09 20.23
N LYS A 66 -3.79 -14.41 18.96
CA LYS A 66 -2.91 -15.47 18.52
C LYS A 66 -1.43 -15.07 18.45
N THR A 67 -1.09 -13.81 18.65
CA THR A 67 0.33 -13.42 18.69
C THR A 67 0.95 -13.70 20.07
N GLU A 68 2.26 -13.95 20.07
CA GLU A 68 3.01 -14.20 21.29
C GLU A 68 2.88 -13.06 22.30
N LYS A 69 2.64 -13.40 23.56
CA LYS A 69 2.85 -12.45 24.64
C LYS A 69 4.33 -12.15 24.61
N VAL A 70 4.67 -10.88 24.62
CA VAL A 70 6.07 -10.50 24.65
C VAL A 70 6.15 -9.41 25.71
N SER A 71 7.33 -9.08 26.18
CA SER A 71 7.40 -8.04 27.21
C SER A 71 7.52 -6.61 26.62
N PHE A 72 7.05 -5.68 27.43
CA PHE A 72 7.09 -4.27 27.10
C PHE A 72 8.48 -3.84 26.68
N PRO A 73 8.62 -3.32 25.45
CA PRO A 73 9.93 -3.07 24.88
C PRO A 73 10.81 -2.01 25.58
N PHE A 74 10.25 -1.12 26.38
CA PHE A 74 11.11 -0.20 27.11
C PHE A 74 11.18 -0.65 28.57
N ALA A 75 12.22 -1.40 28.92
CA ALA A 75 12.30 -2.03 30.24
C ALA A 75 13.18 -1.31 31.22
N ASN A 76 13.92 -0.30 30.76
CA ASN A 76 14.92 0.38 31.57
C ASN A 76 14.73 1.89 31.72
N GLY A 77 13.47 2.36 31.70
CA GLY A 77 13.15 3.77 31.83
C GLY A 77 13.38 4.62 30.58
N GLY A 78 13.57 5.93 30.79
CA GLY A 78 13.80 6.86 29.69
C GLY A 78 12.56 7.27 28.89
N VAL A 79 11.39 6.78 29.27
CA VAL A 79 10.16 7.13 28.59
C VAL A 79 9.59 8.31 29.33
N SER A 80 9.19 9.35 28.60
CA SER A 80 8.56 10.52 29.22
C SER A 80 7.33 10.92 28.43
N LEU A 81 6.21 11.04 29.11
CA LEU A 81 4.97 11.45 28.47
C LEU A 81 4.43 12.61 29.29
N GLU A 82 4.25 13.77 28.69
CA GLU A 82 3.75 14.89 29.49
C GLU A 82 3.13 15.97 28.68
N VAL A 83 2.34 16.78 29.36
CA VAL A 83 1.59 17.83 28.74
C VAL A 83 2.08 19.15 29.34
N SER A 84 2.18 20.15 28.49
CA SER A 84 2.66 21.47 28.91
C SER A 84 2.41 22.48 27.80
N GLY A 85 1.96 23.67 28.18
CA GLY A 85 1.77 24.79 27.27
C GLY A 85 0.90 24.45 26.09
N GLY A 86 -0.09 23.59 26.32
CA GLY A 86 -1.05 23.23 25.29
C GLY A 86 -0.63 22.10 24.39
N LYS A 87 0.49 21.45 24.69
CA LYS A 87 1.09 20.46 23.81
C LYS A 87 1.52 19.22 24.57
N THR A 88 1.65 18.11 23.86
CA THR A 88 2.02 16.82 24.45
C THR A 88 3.44 16.50 23.99
N TYR A 89 4.33 16.27 24.93
CA TYR A 89 5.73 16.00 24.64
C TYR A 89 5.97 14.54 24.90
N LEU A 90 6.44 13.81 23.91
CA LEU A 90 6.74 12.42 24.12
C LEU A 90 8.22 12.23 23.91
N ARG A 91 8.83 11.34 24.71
CA ARG A 91 10.21 10.90 24.51
C ARG A 91 10.33 9.38 24.71
N PHE A 92 10.94 8.69 23.75
CA PHE A 92 11.25 7.28 23.88
C PHE A 92 12.74 7.07 23.71
N PRO A 93 13.36 6.23 24.57
CA PRO A 93 14.81 6.13 24.52
C PRO A 93 15.30 5.34 23.32
N LEU A 94 16.55 5.58 22.96
CA LEU A 94 17.23 4.83 21.93
C LEU A 94 18.53 4.27 22.48
N GLN A 95 18.87 3.09 22.02
CA GLN A 95 20.13 2.46 22.30
C GLN A 95 21.09 2.80 21.19
N LYS A 96 22.36 2.56 21.42
CA LYS A 96 23.41 2.86 20.45
C LYS A 96 23.27 2.09 19.15
N GLU A 97 22.94 0.81 19.24
CA GLU A 97 22.82 -0.04 18.03
C GLU A 97 21.66 0.31 17.06
N GLU A 98 20.73 1.15 17.52
CA GLU A 98 19.40 1.14 17.03
C GLU A 98 19.23 1.93 15.70
N GLN A 99 18.56 1.31 14.74
CA GLN A 99 18.07 2.00 13.54
C GLN A 99 16.54 2.08 13.58
N LEU A 100 16.00 3.09 12.90
CA LEU A 100 14.57 3.34 12.86
C LEU A 100 14.02 3.34 11.45
N TYR A 101 12.79 2.89 11.30
CA TYR A 101 12.14 2.79 10.03
C TYR A 101 10.73 3.31 10.17
N GLY A 102 10.16 3.81 9.08
CA GLY A 102 8.80 4.33 9.09
C GLY A 102 8.66 5.82 9.02
N PHE A 103 7.74 6.35 9.82
CA PHE A 103 7.26 7.72 9.69
C PHE A 103 6.70 7.97 8.30
N GLY A 104 6.00 6.98 7.76
CA GLY A 104 5.22 7.13 6.58
C GLY A 104 5.87 6.84 5.25
N LEU A 105 5.22 7.33 4.20
CA LEU A 105 5.62 6.98 2.84
C LEU A 105 6.71 7.93 2.33
N ASN A 106 7.94 7.69 2.79
CA ASN A 106 9.08 8.46 2.35
C ASN A 106 9.62 7.89 1.04
N PHE A 107 10.18 8.77 0.23
CA PHE A 107 10.56 8.43 -1.14
C PHE A 107 12.06 8.37 -1.39
N GLN A 108 12.87 8.93 -0.48
CA GLN A 108 14.33 8.97 -0.69
C GLN A 108 15.17 8.43 0.45
N THR A 109 14.54 8.13 1.57
CA THR A 109 15.21 7.67 2.74
C THR A 109 14.44 6.45 3.28
N VAL A 110 15.19 5.50 3.83
CA VAL A 110 14.62 4.32 4.51
C VAL A 110 15.03 4.32 5.97
N HIS A 111 16.31 4.47 6.26
CA HIS A 111 16.78 4.70 7.63
C HIS A 111 16.27 6.04 8.13
N GLN A 112 15.61 6.08 9.29
CA GLN A 112 15.01 7.30 9.81
C GLN A 112 15.70 7.90 11.03
N ARG A 113 16.66 7.21 11.63
CA ARG A 113 17.34 7.77 12.78
C ARG A 113 18.13 9.00 12.36
N GLY A 114 18.08 10.06 13.16
CA GLY A 114 18.76 11.28 12.86
C GLY A 114 17.99 12.20 11.95
N LYS A 115 16.75 11.84 11.60
CA LYS A 115 15.88 12.70 10.77
C LYS A 115 14.96 13.59 11.61
N ILE A 116 14.60 14.74 11.05
CA ILE A 116 13.61 15.60 11.62
C ILE A 116 12.42 15.73 10.66
N LEU A 117 11.20 15.59 11.15
CA LEU A 117 10.04 15.57 10.25
C LEU A 117 8.87 16.32 10.85
N GLU A 118 8.03 16.88 9.99
CA GLU A 118 6.69 17.29 10.42
C GLU A 118 5.68 16.52 9.57
N LEU A 119 5.01 15.54 10.16
CA LEU A 119 4.10 14.65 9.42
C LEU A 119 2.80 15.40 9.01
N HIS A 120 2.58 15.51 7.71
CA HIS A 120 1.64 16.44 7.14
C HIS A 120 1.18 15.92 5.79
N VAL A 121 -0.10 15.58 5.63
CA VAL A 121 -0.56 14.99 4.37
C VAL A 121 -0.31 16.03 3.29
N ASP A 122 0.25 15.60 2.17
CA ASP A 122 0.57 16.48 1.02
C ASP A 122 0.90 15.60 -0.15
N HIS A 123 0.77 16.12 -1.38
CA HIS A 123 1.48 15.52 -2.49
C HIS A 123 2.99 15.61 -2.22
N TYR A 124 3.74 14.54 -2.53
CA TYR A 124 5.18 14.53 -2.33
C TYR A 124 5.87 15.70 -3.08
N GLY A 125 6.75 16.43 -2.39
CA GLY A 125 7.35 17.64 -2.92
C GLY A 125 8.81 17.53 -3.30
N GLY A 126 9.34 16.33 -3.40
CA GLY A 126 10.71 16.16 -3.88
C GLY A 126 11.75 15.98 -2.80
N LYS A 127 11.37 16.13 -1.54
CA LYS A 127 12.26 15.74 -0.46
C LYS A 127 11.44 15.17 0.69
N ASP A 128 12.10 14.36 1.51
CA ASP A 128 11.48 13.76 2.68
C ASP A 128 11.50 14.70 3.84
N SER A 129 10.42 15.44 4.00
CA SER A 129 10.30 16.34 5.13
C SER A 129 9.22 15.89 6.08
N GLY A 130 8.46 14.86 5.72
CA GLY A 130 7.25 14.49 6.42
C GLY A 130 5.98 14.88 5.66
N ARG A 131 6.11 15.77 4.68
CA ARG A 131 5.02 16.08 3.77
C ARG A 131 4.96 14.93 2.78
N THR A 132 3.91 14.14 2.81
CA THR A 132 3.77 13.02 1.88
C THR A 132 2.36 12.46 1.93
N HIS A 133 2.05 11.52 1.03
CA HIS A 133 0.66 11.07 0.84
C HIS A 133 0.10 10.40 2.09
N ALA A 134 0.93 9.62 2.75
CA ALA A 134 0.53 8.89 3.98
C ALA A 134 1.58 9.06 5.01
N PRO A 135 1.51 10.16 5.79
CA PRO A 135 2.57 10.43 6.76
C PRO A 135 2.31 9.70 8.10
N THR A 136 2.17 8.38 8.01
CA THR A 136 1.84 7.55 9.16
C THR A 136 2.75 7.83 10.36
N PRO A 137 2.15 8.22 11.51
CA PRO A 137 2.92 8.45 12.73
C PRO A 137 3.22 7.13 13.49
N PHE A 138 3.90 6.24 12.79
CA PHE A 138 4.27 4.93 13.29
C PHE A 138 5.70 4.69 12.89
N TYR A 139 6.56 4.32 13.83
CA TYR A 139 7.93 3.93 13.49
C TYR A 139 8.27 2.62 14.11
N VAL A 140 9.27 1.97 13.54
CA VAL A 140 9.69 0.65 13.91
C VAL A 140 11.18 0.71 14.12
N SER A 141 11.64 0.03 15.14
CA SER A 141 13.05 -0.07 15.48
C SER A 141 13.64 -1.43 15.10
N SER A 142 14.92 -1.41 14.79
CA SER A 142 15.69 -2.63 14.54
C SER A 142 15.79 -3.51 15.79
N ASN A 143 15.55 -2.97 16.99
CA ASN A 143 15.48 -3.78 18.21
C ASN A 143 14.16 -4.54 18.34
N GLY A 144 13.22 -4.32 17.44
CA GLY A 144 12.02 -5.14 17.35
C GLY A 144 10.81 -4.62 18.11
N TYR A 145 10.58 -3.31 18.06
CA TYR A 145 9.35 -2.74 18.61
C TYR A 145 8.84 -1.65 17.67
N GLY A 146 7.62 -1.15 17.95
CA GLY A 146 7.07 0.00 17.23
C GLY A 146 6.27 0.96 18.13
N VAL A 147 5.97 2.12 17.60
CA VAL A 147 5.27 3.16 18.32
C VAL A 147 4.38 3.90 17.36
N PHE A 148 3.11 4.07 17.74
CA PHE A 148 2.12 4.78 16.95
C PHE A 148 1.51 5.89 17.76
N ILE A 149 1.46 7.09 17.18
CA ILE A 149 0.94 8.26 17.86
C ILE A 149 -0.40 8.54 17.24
N ASN A 150 -1.48 8.22 17.95
CA ASN A 150 -2.81 8.32 17.36
C ASN A 150 -3.39 9.72 17.50
N SER A 151 -2.83 10.66 16.71
CA SER A 151 -3.30 12.05 16.61
C SER A 151 -3.58 12.32 15.14
N ALA A 152 -4.67 13.03 14.84
CA ALA A 152 -4.88 13.52 13.48
C ALA A 152 -4.37 14.95 13.31
N ARG A 153 -3.51 15.44 14.19
CA ARG A 153 -2.81 16.71 13.92
C ARG A 153 -1.51 16.46 13.14
N TYR A 154 -0.93 17.56 12.64
CA TYR A 154 0.43 17.55 12.19
C TYR A 154 1.33 17.31 13.40
N ILE A 155 2.31 16.43 13.28
CA ILE A 155 3.12 15.93 14.40
C ILE A 155 4.57 16.16 14.04
N LYS A 156 5.34 16.72 14.97
CA LYS A 156 6.75 16.96 14.76
C LYS A 156 7.54 15.86 15.39
N VAL A 157 8.57 15.40 14.68
CA VAL A 157 9.38 14.29 15.12
C VAL A 157 10.85 14.67 15.02
N TRP A 158 11.56 14.44 16.11
CA TRP A 158 13.00 14.51 16.09
C TRP A 158 13.47 13.10 16.45
N ALA A 159 13.92 12.37 15.44
CA ALA A 159 14.14 10.94 15.62
C ALA A 159 15.59 10.70 15.98
N GLY A 160 15.96 11.15 17.17
CA GLY A 160 17.34 11.05 17.60
C GLY A 160 18.21 12.20 17.13
N THR A 161 17.76 13.43 17.33
CA THR A 161 18.62 14.59 17.05
C THR A 161 18.90 15.44 18.29
N GLY A 162 17.93 15.51 19.20
CA GLY A 162 18.05 16.26 20.46
C GLY A 162 19.11 15.72 21.40
N VAL A 163 19.93 16.61 21.95
CA VAL A 163 20.95 16.24 22.90
C VAL A 163 20.64 16.93 24.22
N ARG A 164 20.20 16.15 25.21
CA ARG A 164 19.73 16.69 26.49
C ARG A 164 20.83 16.85 27.51
N LYS A 165 20.78 17.92 28.29
CA LYS A 165 21.87 18.19 29.23
C LYS A 165 21.84 17.14 30.35
N ASP A 166 20.64 16.67 30.71
CA ASP A 166 20.48 15.66 31.76
C ASP A 166 20.48 14.23 31.24
N SER A 167 20.94 14.02 30.01
CA SER A 167 20.94 12.66 29.47
C SER A 167 22.03 11.81 30.09
N GLU A 168 21.72 10.53 30.24
CA GLU A 168 22.67 9.57 30.79
C GLU A 168 23.79 9.31 29.79
N ASN A 169 23.60 9.72 28.53
CA ASN A 169 24.60 9.54 27.49
C ASN A 169 25.03 10.85 26.88
N PHE A 170 25.01 11.91 27.69
CA PHE A 170 25.43 13.22 27.24
C PHE A 170 26.91 13.19 26.92
N PRO A 171 27.29 13.27 25.62
CA PRO A 171 28.71 13.29 25.27
C PRO A 171 29.49 14.43 25.94
N THR A 172 30.79 14.21 26.10
CA THR A 172 31.69 15.18 26.71
C THR A 172 31.93 16.34 25.76
N PRO A 173 31.65 17.55 26.21
CA PRO A 173 31.97 18.73 25.43
C PRO A 173 33.39 18.70 24.90
N LYS A 174 33.55 19.08 23.63
CA LYS A 174 34.85 19.14 22.99
C LYS A 174 35.08 20.58 22.52
N ASP A 175 36.36 20.92 22.37
CA ASP A 175 36.76 22.24 21.92
C ASP A 175 37.01 22.19 20.43
N ARG A 176 36.11 22.79 19.66
CA ARG A 176 36.28 22.82 18.20
C ARG A 176 37.56 23.52 17.77
N ASN A 177 38.06 24.48 18.54
CA ASN A 177 39.33 25.15 18.15
C ASN A 177 40.53 24.20 18.03
N THR A 178 40.57 23.18 18.88
CA THR A 178 41.74 22.29 18.96
C THR A 178 41.45 20.79 18.68
N ASP A 179 40.24 20.34 18.88
CA ASP A 179 39.95 18.91 18.78
C ASP A 179 39.38 18.58 17.43
N LYS A 180 40.16 17.87 16.63
CA LYS A 180 39.71 17.44 15.30
C LYS A 180 38.63 16.34 15.32
N THR A 181 38.31 15.79 16.49
CA THR A 181 37.24 14.79 16.60
C THR A 181 35.90 15.41 16.99
N TRP A 182 35.90 16.72 17.20
CA TRP A 182 34.69 17.51 17.47
C TRP A 182 33.55 17.16 16.51
N SER A 183 32.32 17.04 16.99
CA SER A 183 31.22 16.61 16.11
C SER A 183 30.15 17.67 15.92
N SER A 184 29.73 17.89 14.69
CA SER A 184 28.69 18.88 14.41
C SER A 184 27.30 18.33 14.76
N ARG A 185 27.17 17.01 14.86
CA ARG A 185 25.92 16.34 15.22
C ARG A 185 26.14 15.32 16.34
N PRO A 186 26.40 15.79 17.58
CA PRO A 186 26.64 14.87 18.69
C PRO A 186 25.57 13.76 18.92
N TYR A 187 26.02 12.68 19.55
CA TYR A 187 25.18 11.52 19.83
C TYR A 187 23.91 11.93 20.56
N SER A 188 22.77 11.47 20.01
CA SER A 188 21.46 11.68 20.60
C SER A 188 20.84 10.32 20.95
N ASP A 189 20.21 10.24 22.13
CA ASP A 189 19.72 8.94 22.68
C ASP A 189 18.21 8.81 22.83
N ALA A 190 17.46 9.56 22.03
CA ALA A 190 16.00 9.61 22.15
C ALA A 190 15.25 10.12 20.93
N VAL A 191 14.07 9.53 20.73
CA VAL A 191 13.12 9.94 19.74
C VAL A 191 12.25 10.88 20.49
N GLU A 192 12.06 12.08 19.95
CA GLU A 192 11.21 13.08 20.54
C GLU A 192 10.07 13.47 19.62
N ILE A 193 8.87 13.61 20.17
CA ILE A 193 7.70 13.89 19.39
C ILE A 193 6.84 14.95 20.08
N LEU A 194 6.45 15.98 19.34
CA LEU A 194 5.60 17.02 19.85
C LEU A 194 4.27 16.96 19.14
N VAL A 195 3.18 16.83 19.88
CA VAL A 195 1.83 16.82 19.32
C VAL A 195 1.09 18.09 19.71
N PRO A 196 0.47 18.80 18.73
CA PRO A 196 -0.11 20.08 19.16
C PRO A 196 -1.50 19.86 19.74
N ALA A 197 -1.56 19.30 20.96
CA ALA A 197 -2.85 19.05 21.61
C ALA A 197 -2.62 18.78 23.08
N GLU A 198 -3.72 18.75 23.83
CA GLU A 198 -3.72 18.61 25.30
C GLU A 198 -3.46 17.22 25.81
N GLY A 199 -3.27 16.28 24.89
CA GLY A 199 -3.05 14.92 25.26
C GLY A 199 -3.07 14.11 24.00
N VAL A 200 -2.63 12.86 24.12
CA VAL A 200 -2.67 11.94 23.02
C VAL A 200 -2.77 10.48 23.45
N GLU A 201 -3.35 9.63 22.60
CA GLU A 201 -3.22 8.19 22.79
C GLU A 201 -1.96 7.72 22.10
N VAL A 202 -1.17 6.91 22.79
CA VAL A 202 0.03 6.35 22.24
C VAL A 202 -0.06 4.83 22.28
N TYR A 203 0.42 4.15 21.23
CA TYR A 203 0.47 2.69 21.22
C TYR A 203 1.86 2.17 21.01
N VAL A 204 2.24 1.14 21.79
CA VAL A 204 3.55 0.54 21.67
C VAL A 204 3.34 -0.94 21.30
N PHE A 205 4.13 -1.40 20.34
CA PHE A 205 4.03 -2.75 19.78
C PHE A 205 5.33 -3.48 20.08
N GLY A 206 5.20 -4.66 20.67
CA GLY A 206 6.36 -5.49 20.96
C GLY A 206 6.77 -6.30 19.77
N GLY A 207 7.83 -7.07 19.97
CA GLY A 207 8.50 -7.80 18.90
C GLY A 207 8.13 -9.26 18.91
N PRO A 208 9.14 -10.15 18.87
CA PRO A 208 10.58 -9.91 19.02
C PRO A 208 11.29 -9.24 17.84
N LYS A 209 10.74 -9.35 16.65
CA LYS A 209 11.39 -8.81 15.47
C LYS A 209 10.64 -7.56 14.94
N PRO A 210 11.33 -6.73 14.16
CA PRO A 210 10.68 -5.53 13.60
C PRO A 210 9.41 -5.87 12.87
N ILE A 211 9.42 -6.93 12.06
CA ILE A 211 8.21 -7.31 11.30
C ILE A 211 7.06 -7.63 12.22
N ASP A 212 7.38 -8.11 13.42
CA ASP A 212 6.32 -8.42 14.41
C ASP A 212 5.56 -7.18 14.84
N ALA A 213 6.32 -6.15 15.20
CA ALA A 213 5.75 -4.86 15.53
C ALA A 213 4.86 -4.32 14.42
N VAL A 214 5.32 -4.46 13.17
CA VAL A 214 4.55 -4.02 12.01
C VAL A 214 3.23 -4.82 11.87
N LYS A 215 3.32 -6.15 11.99
CA LYS A 215 2.09 -6.95 11.89
C LYS A 215 1.03 -6.59 12.94
N ARG A 216 1.46 -6.33 14.17
CA ARG A 216 0.48 -6.00 15.25
C ARG A 216 -0.16 -4.65 15.06
N TYR A 217 0.66 -3.68 14.68
CA TYR A 217 0.15 -2.39 14.23
C TYR A 217 -0.91 -2.58 13.16
N ASN A 218 -0.57 -3.28 12.11
CA ASN A 218 -1.55 -3.46 11.03
C ASN A 218 -2.82 -4.18 11.47
N LEU A 219 -2.67 -5.21 12.28
CA LEU A 219 -3.83 -5.89 12.86
C LEU A 219 -4.65 -4.99 13.77
N LEU A 220 -3.98 -4.10 14.50
CA LEU A 220 -4.71 -3.17 15.35
C LEU A 220 -5.63 -2.32 14.50
N ASN A 221 -5.19 -2.05 13.26
CA ASN A 221 -5.95 -1.30 12.26
C ASN A 221 -6.98 -2.10 11.51
N GLY A 222 -7.08 -3.41 11.78
CA GLY A 222 -8.06 -4.27 11.13
C GLY A 222 -7.46 -5.28 10.20
N GLY A 223 -6.13 -5.30 10.09
CA GLY A 223 -5.42 -6.02 9.06
C GLY A 223 -5.60 -5.33 7.71
N GLY A 224 -4.83 -5.75 6.70
CA GLY A 224 -5.00 -5.17 5.35
C GLY A 224 -6.32 -5.61 4.71
N TYR A 225 -6.79 -4.86 3.71
CA TYR A 225 -7.96 -5.34 2.96
C TYR A 225 -7.65 -6.64 2.26
N LEU A 226 -8.65 -7.53 2.17
CA LEU A 226 -8.52 -8.72 1.33
C LEU A 226 -9.08 -8.36 -0.06
N PRO A 227 -8.19 -8.17 -1.04
CA PRO A 227 -8.70 -7.66 -2.32
C PRO A 227 -9.42 -8.73 -3.12
N PRO A 228 -10.25 -8.32 -4.07
CA PRO A 228 -10.79 -9.28 -5.02
C PRO A 228 -9.66 -9.72 -5.94
N ARG A 229 -9.77 -10.90 -6.57
CA ARG A 229 -8.76 -11.36 -7.49
C ARG A 229 -8.62 -10.41 -8.70
N TRP A 230 -9.74 -9.85 -9.14
CA TRP A 230 -9.72 -8.98 -10.29
C TRP A 230 -8.91 -7.74 -10.00
N GLY A 231 -8.79 -7.38 -8.72
CA GLY A 231 -7.98 -6.24 -8.31
C GLY A 231 -6.48 -6.47 -8.53
N LEU A 232 -6.06 -7.74 -8.65
CA LEU A 232 -4.65 -8.05 -8.85
C LEU A 232 -4.29 -8.33 -10.32
N GLY A 233 -5.25 -8.08 -11.20
CA GLY A 233 -5.07 -8.28 -12.64
C GLY A 233 -4.53 -6.99 -13.19
N PHE A 234 -4.63 -6.84 -14.51
CA PHE A 234 -4.19 -5.63 -15.17
C PHE A 234 -5.27 -4.57 -15.26
N THR A 235 -4.88 -3.33 -14.92
CA THR A 235 -5.71 -2.15 -15.16
C THR A 235 -5.08 -1.13 -16.12
N GLN A 236 -5.86 -0.77 -17.14
CA GLN A 236 -5.52 0.29 -18.06
C GLN A 236 -6.43 1.47 -17.80
N ARG A 237 -5.87 2.62 -17.47
CA ARG A 237 -6.64 3.86 -17.44
C ARG A 237 -6.39 4.59 -18.73
N VAL A 238 -7.46 5.17 -19.27
CA VAL A 238 -7.44 5.73 -20.63
C VAL A 238 -7.49 7.25 -20.55
N MET A 239 -7.23 7.92 -21.66
CA MET A 239 -7.24 9.38 -21.69
C MET A 239 -8.52 10.00 -21.16
N THR A 240 -8.37 11.17 -20.56
CA THR A 240 -9.46 11.97 -19.99
C THR A 240 -10.72 12.08 -20.85
N ARG A 241 -10.53 12.24 -22.16
CA ARG A 241 -11.59 12.58 -23.09
C ARG A 241 -12.30 11.36 -23.71
N TYR A 242 -11.81 10.14 -23.47
CA TYR A 242 -12.34 8.94 -24.13
C TYR A 242 -13.84 8.85 -24.03
N THR A 243 -14.46 8.48 -25.14
CA THR A 243 -15.88 8.18 -25.12
C THR A 243 -16.07 6.70 -24.79
N ASP A 244 -17.32 6.37 -24.49
CA ASP A 244 -17.72 4.97 -24.44
C ASP A 244 -17.24 4.17 -25.64
N LYS A 245 -17.32 4.70 -26.85
CA LYS A 245 -16.85 3.94 -28.02
C LYS A 245 -15.35 3.74 -28.01
N ASP A 246 -14.63 4.77 -27.57
CA ASP A 246 -13.18 4.72 -27.48
C ASP A 246 -12.74 3.60 -26.52
N VAL A 247 -13.39 3.51 -25.36
CA VAL A 247 -13.12 2.48 -24.36
C VAL A 247 -13.44 1.09 -24.89
N GLU A 248 -14.58 0.95 -25.57
CA GLU A 248 -14.98 -0.30 -26.19
C GLU A 248 -13.95 -0.76 -27.19
N LYS A 249 -13.44 0.17 -28.00
CA LYS A 249 -12.41 -0.17 -28.95
C LYS A 249 -11.11 -0.62 -28.25
N GLU A 250 -10.71 0.06 -27.17
CA GLU A 250 -9.44 -0.28 -26.51
C GLU A 250 -9.54 -1.67 -25.91
N VAL A 251 -10.72 -2.00 -25.43
CA VAL A 251 -11.00 -3.31 -24.86
C VAL A 251 -10.84 -4.36 -25.94
N ASN A 252 -11.33 -4.05 -27.14
CA ASN A 252 -11.18 -4.99 -28.25
C ASN A 252 -9.74 -5.14 -28.66
N ASP A 253 -9.01 -4.03 -28.66
CA ASP A 253 -7.60 -4.11 -29.00
C ASP A 253 -6.83 -4.98 -28.02
N PHE A 254 -7.12 -4.82 -26.73
CA PHE A 254 -6.50 -5.70 -25.72
C PHE A 254 -6.77 -7.17 -26.07
N LYS A 255 -8.04 -7.49 -26.26
CA LYS A 255 -8.43 -8.85 -26.58
C LYS A 255 -7.75 -9.32 -27.85
N GLU A 256 -7.87 -8.55 -28.92
CA GLU A 256 -7.31 -8.93 -30.21
C GLU A 256 -5.79 -9.10 -30.09
N LYS A 257 -5.12 -8.25 -29.34
CA LYS A 257 -3.67 -8.39 -29.21
C LYS A 257 -3.20 -9.43 -28.14
N GLY A 258 -4.14 -10.04 -27.42
CA GLY A 258 -3.84 -11.06 -26.39
C GLY A 258 -3.19 -10.51 -25.11
N TYR A 259 -3.48 -9.26 -24.75
CA TYR A 259 -3.01 -8.69 -23.51
C TYR A 259 -4.08 -8.79 -22.44
N PRO A 260 -3.65 -9.11 -21.22
CA PRO A 260 -4.60 -9.23 -20.12
C PRO A 260 -5.18 -7.87 -19.65
N LEU A 261 -6.39 -7.92 -19.12
CA LEU A 261 -7.10 -6.75 -18.65
C LEU A 261 -8.28 -7.20 -17.80
N ASP A 262 -8.37 -6.62 -16.61
CA ASP A 262 -9.44 -6.90 -15.67
C ASP A 262 -10.31 -5.67 -15.44
N PHE A 263 -9.68 -4.51 -15.28
CA PHE A 263 -10.46 -3.32 -15.12
C PHE A 263 -9.86 -2.14 -15.82
N VAL A 264 -10.76 -1.31 -16.33
CA VAL A 264 -10.40 -0.07 -16.98
C VAL A 264 -10.69 1.13 -16.09
N GLY A 265 -9.73 2.05 -16.04
CA GLY A 265 -9.93 3.32 -15.32
C GLY A 265 -10.50 4.40 -16.22
N LEU A 266 -11.61 5.02 -15.84
CA LEU A 266 -12.06 6.24 -16.55
C LEU A 266 -11.56 7.46 -15.82
N GLU A 267 -11.17 8.45 -16.61
CA GLU A 267 -10.59 9.67 -16.09
C GLU A 267 -11.63 10.79 -16.11
N PRO A 268 -11.27 12.06 -15.87
CA PRO A 268 -12.33 13.03 -15.54
C PRO A 268 -13.49 13.25 -16.55
N GLY A 269 -13.27 13.02 -17.84
CA GLY A 269 -14.32 13.19 -18.82
C GLY A 269 -15.44 12.14 -18.80
N TRP A 270 -15.46 11.23 -17.80
CA TRP A 270 -16.70 10.46 -17.55
C TRP A 270 -17.78 11.30 -16.89
N GLN A 271 -17.39 12.41 -16.25
CA GLN A 271 -18.35 13.32 -15.61
C GLN A 271 -18.76 14.47 -16.54
N SER A 272 -20.00 14.93 -16.39
CA SER A 272 -20.49 16.06 -17.18
C SER A 272 -19.69 17.33 -16.90
N LYS A 273 -19.20 17.49 -15.67
CA LYS A 273 -18.14 18.48 -15.42
C LYS A 273 -17.10 17.95 -14.43
N ALA A 274 -15.84 18.31 -14.63
CA ALA A 274 -14.81 17.97 -13.63
C ALA A 274 -14.04 19.22 -13.19
N TYR A 275 -13.56 19.18 -11.95
CA TYR A 275 -12.82 20.30 -11.33
C TYR A 275 -13.59 21.63 -11.29
N PRO A 276 -14.72 21.68 -10.60
CA PRO A 276 -15.28 20.64 -9.78
C PRO A 276 -16.26 19.70 -10.49
N GLY A 277 -16.72 18.71 -9.75
CA GLY A 277 -17.39 17.55 -10.34
C GLY A 277 -18.87 17.53 -10.09
N THR A 278 -19.58 16.96 -11.06
CA THR A 278 -21.02 16.69 -10.96
C THR A 278 -21.33 15.29 -10.48
N PHE A 279 -20.34 14.39 -10.52
CA PHE A 279 -20.55 13.02 -10.04
C PHE A 279 -21.71 12.36 -10.78
N SER A 280 -21.82 12.72 -12.06
CA SER A 280 -22.88 12.30 -12.93
C SER A 280 -22.33 12.19 -14.37
N TRP A 281 -22.75 11.15 -15.09
CA TRP A 281 -22.14 10.73 -16.36
C TRP A 281 -22.33 11.75 -17.44
N ASP A 282 -21.30 12.02 -18.24
CA ASP A 282 -21.45 13.00 -19.32
C ASP A 282 -22.35 12.38 -20.39
N LYS A 283 -23.35 13.16 -20.78
CA LYS A 283 -24.41 12.73 -21.69
C LYS A 283 -23.85 12.59 -23.08
N SER A 284 -22.81 13.35 -23.36
CA SER A 284 -22.20 13.33 -24.66
C SER A 284 -21.24 12.15 -24.83
N ARG A 285 -20.35 11.94 -23.86
CA ARG A 285 -19.32 10.91 -24.00
C ARG A 285 -19.81 9.55 -23.52
N TYR A 286 -20.73 9.56 -22.58
CA TYR A 286 -21.40 8.35 -22.06
C TYR A 286 -22.93 8.49 -22.12
N PRO A 287 -23.47 8.51 -23.36
CA PRO A 287 -24.91 8.69 -23.54
C PRO A 287 -25.80 7.62 -22.88
N ASP A 288 -25.34 6.37 -22.77
CA ASP A 288 -26.09 5.30 -22.10
C ASP A 288 -25.18 4.57 -21.07
N PRO A 289 -25.07 5.09 -19.84
CA PRO A 289 -24.13 4.48 -18.85
C PRO A 289 -24.46 3.05 -18.41
N THR A 290 -25.74 2.78 -18.14
CA THR A 290 -26.18 1.47 -17.69
C THR A 290 -25.81 0.39 -18.72
N SER A 291 -26.02 0.73 -19.99
CA SER A 291 -25.68 -0.15 -21.10
C SER A 291 -24.17 -0.28 -21.28
N PHE A 292 -23.46 0.85 -21.25
CA PHE A 292 -22.00 0.82 -21.34
C PHE A 292 -21.39 -0.04 -20.23
N VAL A 293 -21.84 0.13 -19.00
CA VAL A 293 -21.24 -0.66 -17.92
C VAL A 293 -21.54 -2.18 -18.07
N LYS A 294 -22.76 -2.51 -18.52
CA LYS A 294 -23.16 -3.90 -18.69
C LYS A 294 -22.29 -4.59 -19.74
N LYS A 295 -22.11 -3.91 -20.87
CA LYS A 295 -21.34 -4.45 -21.99
C LYS A 295 -19.91 -4.78 -21.61
N MET A 296 -19.25 -3.88 -20.87
CA MET A 296 -17.88 -4.11 -20.40
C MET A 296 -17.85 -5.34 -19.48
N LYS A 297 -18.71 -5.33 -18.48
CA LYS A 297 -18.82 -6.44 -17.56
C LYS A 297 -19.06 -7.75 -18.31
N ASP A 298 -19.95 -7.74 -19.31
CA ASP A 298 -20.18 -8.92 -20.16
C ASP A 298 -18.92 -9.40 -20.85
N GLN A 299 -17.98 -8.49 -21.09
CA GLN A 299 -16.66 -8.87 -21.58
C GLN A 299 -15.60 -9.09 -20.51
N GLY A 300 -15.97 -9.20 -19.24
CA GLY A 300 -14.99 -9.40 -18.18
C GLY A 300 -14.28 -8.13 -17.68
N ILE A 301 -14.76 -6.96 -18.12
CA ILE A 301 -14.07 -5.69 -17.83
C ILE A 301 -14.82 -4.84 -16.80
N ARG A 302 -14.22 -4.67 -15.63
CA ARG A 302 -14.80 -3.78 -14.64
C ARG A 302 -14.34 -2.34 -14.91
N LEU A 303 -15.04 -1.38 -14.30
CA LEU A 303 -14.69 0.02 -14.46
C LEU A 303 -14.31 0.65 -13.14
N ASN A 304 -13.32 1.55 -13.18
CA ASN A 304 -12.91 2.28 -11.99
C ASN A 304 -12.89 3.76 -12.34
N LEU A 305 -13.63 4.58 -11.57
CA LEU A 305 -13.93 5.95 -11.91
C LEU A 305 -13.11 6.94 -11.06
N TRP A 306 -12.46 7.85 -11.76
CA TRP A 306 -11.81 9.02 -11.17
C TRP A 306 -12.85 9.88 -10.48
N ILE A 307 -12.50 10.35 -9.29
CA ILE A 307 -13.16 11.48 -8.65
C ILE A 307 -12.13 12.30 -7.85
N ASN A 308 -12.32 13.61 -7.78
CA ASN A 308 -11.95 14.30 -6.60
C ASN A 308 -13.31 14.63 -5.95
N PRO A 309 -13.31 14.94 -4.64
CA PRO A 309 -14.59 15.08 -3.97
C PRO A 309 -15.07 16.51 -3.90
N TYR A 310 -14.81 17.29 -4.94
CA TYR A 310 -15.14 18.72 -4.90
C TYR A 310 -16.34 18.97 -5.78
N ILE A 311 -17.31 19.68 -5.19
CA ILE A 311 -18.69 19.70 -5.66
C ILE A 311 -18.99 20.88 -6.60
N SER A 312 -19.33 20.55 -7.84
CA SER A 312 -19.83 21.52 -8.84
C SER A 312 -21.26 22.05 -8.53
N PRO A 313 -21.54 23.32 -8.89
CA PRO A 313 -22.93 23.79 -8.78
C PRO A 313 -23.90 22.97 -9.61
N ASP A 314 -23.43 22.33 -10.66
CA ASP A 314 -24.29 21.50 -11.50
C ASP A 314 -24.45 20.08 -11.00
N ALA A 315 -23.89 19.76 -9.84
CA ALA A 315 -24.11 18.45 -9.26
C ALA A 315 -25.53 18.35 -8.71
N PRO A 316 -26.17 17.17 -8.85
CA PRO A 316 -27.57 17.08 -8.49
C PRO A 316 -27.86 17.27 -7.02
N PHE A 317 -26.86 17.23 -6.15
CA PHE A 317 -27.10 17.36 -4.71
C PHE A 317 -26.41 18.59 -4.17
N TYR A 318 -26.00 19.49 -5.06
CA TYR A 318 -25.26 20.71 -4.65
C TYR A 318 -25.92 21.52 -3.52
N LYS A 319 -27.20 21.83 -3.69
CA LYS A 319 -27.89 22.70 -2.73
C LYS A 319 -28.06 21.95 -1.43
N GLU A 320 -28.46 20.69 -1.52
CA GLU A 320 -28.60 19.87 -0.34
C GLU A 320 -27.32 19.88 0.50
N ILE A 321 -26.18 19.70 -0.17
CA ILE A 321 -24.92 19.52 0.55
C ILE A 321 -24.28 20.86 0.96
N LYS A 322 -24.57 21.92 0.22
CA LYS A 322 -23.85 23.18 0.41
C LYS A 322 -23.62 23.62 1.86
N PRO A 323 -24.67 23.55 2.71
CA PRO A 323 -24.43 23.98 4.09
C PRO A 323 -23.51 23.07 4.88
N TYR A 324 -23.27 21.84 4.39
CA TYR A 324 -22.32 20.91 5.06
C TYR A 324 -20.94 20.82 4.33
N THR A 325 -20.46 21.96 3.87
CA THR A 325 -19.17 22.08 3.21
C THR A 325 -18.34 23.13 3.93
N GLY A 326 -17.04 23.13 3.62
CA GLY A 326 -16.12 24.00 4.30
C GLY A 326 -16.17 25.42 3.76
N SER A 327 -15.57 26.35 4.50
CA SER A 327 -15.42 27.74 4.05
C SER A 327 -14.66 27.94 2.73
N HIS A 328 -13.67 27.09 2.47
CA HIS A 328 -12.79 27.26 1.31
C HIS A 328 -12.99 26.16 0.29
N THR A 329 -12.78 26.50 -0.98
CA THR A 329 -13.04 25.59 -2.09
C THR A 329 -11.72 25.02 -2.59
N VAL A 330 -11.82 23.91 -3.32
CA VAL A 330 -10.72 23.36 -4.12
C VAL A 330 -11.10 23.27 -5.60
N TRP A 331 -10.26 23.89 -6.42
CA TRP A 331 -10.59 24.27 -7.82
C TRP A 331 -12.05 24.69 -8.03
N LEU A 332 -12.46 25.64 -7.17
CA LEU A 332 -13.80 26.23 -7.15
C LEU A 332 -14.92 25.24 -6.79
N GLY A 333 -14.56 24.09 -6.21
CA GLY A 333 -15.54 23.10 -5.78
C GLY A 333 -15.65 23.12 -4.28
N LEU A 334 -16.85 22.84 -3.80
CA LEU A 334 -17.09 22.85 -2.38
C LEU A 334 -16.52 21.58 -1.78
N VAL A 335 -16.04 21.70 -0.54
CA VAL A 335 -15.38 20.62 0.15
C VAL A 335 -16.32 20.05 1.20
N PRO A 336 -16.95 18.89 0.93
CA PRO A 336 -17.81 18.29 1.94
C PRO A 336 -17.12 17.92 3.25
N ASP A 337 -17.75 18.29 4.37
CA ASP A 337 -17.29 17.84 5.69
C ASP A 337 -17.83 16.43 5.89
N PHE A 338 -17.01 15.42 5.60
CA PHE A 338 -17.52 14.05 5.53
C PHE A 338 -17.62 13.47 6.92
N THR A 339 -17.23 14.23 7.94
CA THR A 339 -17.51 13.82 9.32
C THR A 339 -18.98 14.06 9.68
N MET A 340 -19.77 14.63 8.77
CA MET A 340 -21.20 14.90 8.99
C MET A 340 -22.07 14.01 8.13
N ALA A 341 -23.03 13.32 8.76
CA ALA A 341 -23.99 12.47 8.07
C ALA A 341 -24.66 13.23 6.95
N GLU A 342 -24.95 14.52 7.18
CA GLU A 342 -25.68 15.35 6.19
C GLU A 342 -24.86 15.66 4.92
N ALA A 343 -23.52 15.60 5.02
CA ALA A 343 -22.67 15.68 3.85
C ALA A 343 -22.50 14.32 3.23
N ARG A 344 -22.29 13.31 4.06
CA ARG A 344 -22.06 11.96 3.58
C ARG A 344 -23.24 11.43 2.79
N LYS A 345 -24.45 11.64 3.30
CA LYS A 345 -25.63 10.99 2.73
C LYS A 345 -25.85 11.31 1.25
N PRO A 346 -25.92 12.60 0.87
CA PRO A 346 -26.12 12.90 -0.56
C PRO A 346 -24.94 12.60 -1.47
N PHE A 347 -23.72 12.64 -0.92
CA PHE A 347 -22.55 12.42 -1.75
C PHE A 347 -22.50 10.95 -2.17
N PHE A 348 -22.54 10.11 -1.16
CA PHE A 348 -22.40 8.69 -1.35
C PHE A 348 -23.64 8.03 -1.90
N ASN A 349 -24.84 8.55 -1.56
CA ASN A 349 -26.06 8.10 -2.21
C ASN A 349 -25.98 8.33 -3.72
N GLN A 350 -25.34 9.41 -4.11
CA GLN A 350 -25.22 9.72 -5.52
C GLN A 350 -24.24 8.75 -6.22
N LEU A 351 -23.08 8.50 -5.61
CA LEU A 351 -22.18 7.46 -6.13
C LEU A 351 -22.91 6.10 -6.19
N LEU A 352 -23.60 5.74 -5.11
CA LEU A 352 -24.34 4.49 -5.03
C LEU A 352 -25.33 4.34 -6.20
N LYS A 353 -26.26 5.28 -6.30
CA LYS A 353 -27.36 5.18 -7.25
C LYS A 353 -26.96 5.39 -8.70
N ASP A 354 -26.07 6.35 -8.95
CA ASP A 354 -25.74 6.71 -10.33
C ASP A 354 -24.59 5.86 -10.95
N GLN A 355 -23.78 5.24 -10.11
CA GLN A 355 -22.65 4.42 -10.62
C GLN A 355 -22.58 3.00 -10.06
N ILE A 356 -22.46 2.86 -8.74
CA ILE A 356 -22.27 1.54 -8.14
C ILE A 356 -23.42 0.57 -8.53
N GLU A 357 -24.65 1.08 -8.48
CA GLU A 357 -25.81 0.23 -8.80
C GLU A 357 -25.95 -0.06 -10.28
N ARG A 358 -25.23 0.68 -11.11
CA ARG A 358 -25.07 0.37 -12.51
C ARG A 358 -23.98 -0.69 -12.75
N GLY A 359 -23.16 -0.96 -11.72
CA GLY A 359 -22.10 -1.98 -11.81
C GLY A 359 -20.65 -1.49 -11.77
N VAL A 360 -20.43 -0.24 -11.42
CA VAL A 360 -19.08 0.29 -11.30
C VAL A 360 -18.40 -0.41 -10.12
N SER A 361 -17.18 -0.86 -10.37
CA SER A 361 -16.47 -1.70 -9.43
C SER A 361 -15.70 -0.92 -8.35
N GLY A 362 -15.30 0.31 -8.66
CA GLY A 362 -14.49 1.04 -7.70
C GLY A 362 -14.16 2.43 -8.18
N TYR A 363 -13.32 3.11 -7.41
CA TYR A 363 -13.06 4.53 -7.60
C TYR A 363 -11.57 4.86 -7.48
N LYS A 364 -11.16 5.93 -8.14
CA LYS A 364 -9.83 6.48 -8.00
C LYS A 364 -10.02 7.86 -7.43
N ILE A 365 -9.52 8.04 -6.23
CA ILE A 365 -9.73 9.24 -5.46
C ILE A 365 -8.51 10.11 -5.58
N ALA A 366 -8.63 11.24 -6.27
CA ALA A 366 -7.53 12.17 -6.50
C ALA A 366 -7.62 13.42 -5.67
N GLU A 367 -6.47 14.04 -5.42
CA GLU A 367 -6.40 15.44 -5.00
C GLU A 367 -6.97 15.71 -3.62
N VAL A 368 -6.81 14.70 -2.76
CA VAL A 368 -7.13 14.78 -1.35
C VAL A 368 -5.85 14.89 -0.50
N ASP A 369 -4.72 15.15 -1.17
CA ASP A 369 -3.44 15.29 -0.51
C ASP A 369 -2.91 16.74 -0.43
N GLY A 370 -2.75 17.37 -1.59
CA GLY A 370 -2.08 18.68 -1.70
C GLY A 370 -1.87 19.05 -3.16
N TYR A 371 -1.11 20.09 -3.49
CA TYR A 371 -0.32 20.93 -2.56
C TYR A 371 -1.14 21.95 -1.79
N ASP A 372 -0.47 22.61 -0.84
CA ASP A 372 -1.06 23.63 0.00
C ASP A 372 -1.79 24.70 -0.78
N TYR A 373 -1.25 25.07 -1.93
CA TYR A 373 -1.90 26.05 -2.79
C TYR A 373 -3.02 25.52 -3.67
N TYR A 374 -3.39 24.26 -3.55
CA TYR A 374 -4.59 23.75 -4.24
C TYR A 374 -5.65 23.45 -3.23
N LEU A 375 -5.27 22.73 -2.17
CA LEU A 375 -6.24 22.38 -1.12
C LEU A 375 -6.53 23.56 -0.20
N TRP A 376 -7.52 23.38 0.67
CA TRP A 376 -7.86 24.40 1.65
C TRP A 376 -6.74 24.74 2.61
N PRO A 377 -6.64 26.01 3.01
CA PRO A 377 -5.68 26.38 4.00
C PRO A 377 -6.05 25.80 5.35
N ASP A 378 -5.07 25.71 6.23
CA ASP A 378 -5.36 25.37 7.61
C ASP A 378 -6.28 26.41 8.25
N ALA A 379 -6.36 27.61 7.66
CA ALA A 379 -7.17 28.70 8.19
C ALA A 379 -8.65 28.51 7.90
N ALA A 380 -8.96 27.59 7.00
CA ALA A 380 -10.33 27.24 6.69
C ALA A 380 -11.14 26.71 7.87
N LYS A 381 -12.46 26.81 7.76
CA LYS A 381 -13.37 26.36 8.82
C LYS A 381 -14.36 25.36 8.26
N PHE A 382 -14.68 24.36 9.07
CA PHE A 382 -15.62 23.31 8.65
C PHE A 382 -16.85 23.30 9.54
N PRO A 383 -18.02 23.06 8.94
CA PRO A 383 -19.30 23.11 9.65
C PRO A 383 -19.35 22.22 10.90
N SER A 384 -18.73 21.05 10.86
CA SER A 384 -18.65 20.21 12.05
C SER A 384 -17.85 20.82 13.20
N GLY A 385 -17.07 21.88 12.97
CA GLY A 385 -16.15 22.33 14.01
C GLY A 385 -14.76 21.69 13.94
N LEU A 386 -14.60 20.62 13.17
CA LEU A 386 -13.27 19.97 13.10
C LEU A 386 -12.22 20.91 12.48
N SER A 387 -11.06 20.98 13.09
CA SER A 387 -9.96 21.79 12.51
C SER A 387 -9.69 21.42 11.06
N ALA A 388 -9.28 22.43 10.31
CA ALA A 388 -8.94 22.20 8.91
C ALA A 388 -7.73 21.26 8.84
N GLU A 389 -6.89 21.32 9.86
CA GLU A 389 -5.68 20.52 9.95
C GLU A 389 -5.99 19.03 10.10
N GLN A 390 -6.90 18.71 11.00
CA GLN A 390 -7.31 17.32 11.21
C GLN A 390 -8.09 16.79 9.99
N MET A 391 -8.84 17.68 9.35
CA MET A 391 -9.51 17.36 8.09
C MET A 391 -8.46 17.05 7.00
N ARG A 392 -7.44 17.90 6.89
CA ARG A 392 -6.34 17.66 5.91
C ARG A 392 -5.70 16.29 6.17
N GLN A 393 -5.48 15.98 7.45
CA GLN A 393 -4.77 14.78 7.82
C GLN A 393 -5.60 13.52 7.55
N THR A 394 -6.93 13.63 7.48
CA THR A 394 -7.80 12.45 7.46
C THR A 394 -8.77 12.38 6.29
N TYR A 395 -8.75 13.37 5.41
CA TYR A 395 -9.72 13.42 4.33
C TYR A 395 -9.70 12.18 3.42
N GLY A 396 -8.49 11.76 3.06
CA GLY A 396 -8.30 10.55 2.30
C GLY A 396 -8.90 9.35 3.01
N LEU A 397 -8.62 9.23 4.30
CA LEU A 397 -9.18 8.17 5.11
C LEU A 397 -10.73 8.20 5.07
N LEU A 398 -11.32 9.39 5.21
CA LEU A 398 -12.78 9.54 5.19
C LEU A 398 -13.34 9.07 3.87
N VAL A 399 -12.72 9.45 2.76
CA VAL A 399 -13.30 9.10 1.50
C VAL A 399 -13.14 7.59 1.26
N GLN A 400 -11.96 7.05 1.61
CA GLN A 400 -11.76 5.61 1.57
C GLN A 400 -12.82 4.83 2.35
N ARG A 401 -12.98 5.23 3.59
CA ARG A 401 -13.89 4.59 4.54
C ARG A 401 -15.32 4.49 4.04
N TYR A 402 -15.91 5.64 3.73
CA TYR A 402 -17.34 5.63 3.42
C TYR A 402 -17.63 5.10 2.01
N SER A 403 -16.67 5.20 1.09
CA SER A 403 -16.86 4.60 -0.23
C SER A 403 -16.74 3.05 -0.11
N ALA A 404 -15.79 2.58 0.71
CA ALA A 404 -15.60 1.14 0.90
C ALA A 404 -16.87 0.49 1.46
N GLU A 405 -17.49 1.20 2.40
CA GLU A 405 -18.72 0.78 3.03
C GLU A 405 -19.85 0.46 2.06
N LEU A 406 -20.02 1.30 1.02
CA LEU A 406 -21.07 1.09 0.03
C LEU A 406 -20.93 -0.28 -0.57
N TYR A 407 -19.69 -0.71 -0.78
CA TYR A 407 -19.43 -1.96 -1.45
C TYR A 407 -19.65 -3.11 -0.48
N LYS A 408 -19.10 -2.98 0.70
CA LYS A 408 -19.32 -3.98 1.74
C LYS A 408 -20.80 -4.24 2.00
N GLN A 409 -21.60 -3.16 2.00
CA GLN A 409 -23.03 -3.30 2.22
C GLN A 409 -23.65 -4.21 1.19
N ARG A 410 -23.11 -4.23 -0.03
CA ARG A 410 -23.63 -5.10 -1.08
C ARG A 410 -22.89 -6.44 -1.16
N ASN A 411 -22.19 -6.83 -0.10
CA ASN A 411 -21.43 -8.07 -0.14
C ASN A 411 -20.49 -8.16 -1.35
N GLU A 412 -19.89 -7.03 -1.73
CA GLU A 412 -19.01 -6.95 -2.89
C GLU A 412 -17.70 -6.27 -2.51
N ARG A 413 -16.58 -6.92 -2.80
CA ARG A 413 -15.28 -6.30 -2.64
C ARG A 413 -15.03 -5.22 -3.72
N THR A 414 -14.23 -4.22 -3.35
CA THR A 414 -13.75 -3.21 -4.27
C THR A 414 -12.20 -3.16 -4.19
N PHE A 415 -11.61 -2.39 -5.11
CA PHE A 415 -10.20 -2.15 -5.11
C PHE A 415 -9.98 -0.97 -5.98
N GLY A 416 -9.21 -0.01 -5.50
CA GLY A 416 -8.93 1.18 -6.27
C GLY A 416 -7.76 1.98 -5.73
N LEU A 417 -7.83 3.29 -5.94
CA LEU A 417 -6.68 4.16 -5.80
C LEU A 417 -7.06 5.37 -5.01
N VAL A 418 -6.08 5.92 -4.31
CA VAL A 418 -6.26 7.09 -3.49
C VAL A 418 -4.94 7.85 -3.37
N ARG A 419 -5.01 9.17 -3.32
CA ARG A 419 -3.78 9.95 -3.31
C ARG A 419 -3.43 10.40 -1.91
N ALA A 420 -4.19 10.00 -0.90
CA ALA A 420 -3.77 10.27 0.48
C ALA A 420 -4.33 9.22 1.43
N SER A 421 -3.57 8.90 2.46
CA SER A 421 -4.05 8.06 3.57
C SER A 421 -3.23 8.41 4.79
N ASN A 422 -3.31 7.63 5.84
CA ASN A 422 -2.63 7.90 7.08
C ASN A 422 -2.72 6.67 7.99
N GLY A 423 -2.13 6.79 9.18
CA GLY A 423 -2.41 5.88 10.26
C GLY A 423 -3.92 5.65 10.33
N GLY A 424 -4.31 4.41 10.56
CA GLY A 424 -5.72 4.07 10.62
C GLY A 424 -6.20 3.50 9.31
N GLY A 425 -5.42 3.62 8.26
CA GLY A 425 -5.91 3.27 6.96
C GLY A 425 -5.52 1.90 6.42
N THR A 426 -4.94 1.04 7.23
CA THR A 426 -4.47 -0.26 6.76
C THR A 426 -5.54 -1.14 6.10
N SER A 427 -6.79 -1.05 6.54
CA SER A 427 -7.78 -2.04 6.13
C SER A 427 -8.57 -1.64 4.90
N PHE A 428 -8.27 -0.47 4.35
CA PHE A 428 -9.05 0.06 3.23
C PHE A 428 -8.61 -0.49 1.89
N PRO A 429 -9.56 -0.63 0.96
CA PRO A 429 -9.26 -1.27 -0.32
C PRO A 429 -8.65 -0.30 -1.32
N TYR A 430 -7.60 0.42 -0.88
CA TYR A 430 -6.97 1.43 -1.74
C TYR A 430 -5.44 1.36 -1.82
N VAL A 431 -4.92 1.62 -3.02
CA VAL A 431 -3.52 1.70 -3.25
C VAL A 431 -3.15 3.17 -3.57
N ILE A 432 -2.11 3.68 -2.92
CA ILE A 432 -1.64 5.05 -3.16
C ILE A 432 -0.86 5.11 -4.47
N TYR A 433 -1.00 6.25 -5.17
CA TYR A 433 -0.28 6.54 -6.42
C TYR A 433 0.03 8.04 -6.36
N ASN A 434 0.84 8.55 -7.28
CA ASN A 434 0.96 10.00 -7.37
C ASN A 434 1.44 10.51 -8.74
N ASP A 435 1.61 11.82 -8.82
CA ASP A 435 2.07 12.50 -10.06
C ASP A 435 3.58 12.74 -10.14
N TYR A 436 4.34 12.30 -9.15
CA TYR A 436 5.80 12.30 -9.19
C TYR A 436 6.18 11.19 -10.14
N TYR A 437 7.45 11.07 -10.52
CA TYR A 437 7.82 10.03 -11.47
C TYR A 437 9.25 9.44 -11.39
N ASN A 438 10.10 9.96 -10.51
CA ASN A 438 11.41 9.40 -10.34
C ASN A 438 11.32 7.92 -9.99
N HIS A 439 11.87 7.11 -10.86
CA HIS A 439 11.71 5.66 -10.73
C HIS A 439 12.40 5.05 -9.50
N GLN A 440 13.58 5.54 -9.18
CA GLN A 440 14.29 5.04 -8.01
C GLN A 440 13.49 5.33 -6.74
N ASP A 441 12.92 6.52 -6.68
CA ASP A 441 12.15 7.00 -5.57
C ASP A 441 10.81 6.19 -5.50
N PHE A 442 10.22 5.89 -6.64
CA PHE A 442 9.10 4.98 -6.72
C PHE A 442 9.36 3.65 -6.04
N ILE A 443 10.58 3.13 -6.16
CA ILE A 443 10.92 1.88 -5.53
C ILE A 443 11.12 2.08 -4.03
N THR A 444 11.77 3.18 -3.64
CA THR A 444 11.96 3.49 -2.23
C THR A 444 10.63 3.65 -1.50
N ALA A 445 9.70 4.35 -2.12
CA ALA A 445 8.31 4.41 -1.63
C ALA A 445 7.68 3.02 -1.47
N LEU A 446 7.96 2.09 -2.39
CA LEU A 446 7.32 0.74 -2.28
C LEU A 446 7.85 0.04 -1.00
N ILE A 447 9.15 0.16 -0.77
CA ILE A 447 9.79 -0.38 0.44
C ILE A 447 9.17 0.21 1.71
N ASN A 448 9.02 1.53 1.71
CA ASN A 448 8.56 2.24 2.89
C ASN A 448 7.06 2.01 3.10
N SER A 449 6.35 1.67 2.03
CA SER A 449 4.94 1.28 2.19
C SER A 449 4.76 0.21 3.27
N GLY A 450 5.68 -0.73 3.38
CA GLY A 450 5.52 -1.86 4.32
C GLY A 450 5.75 -1.46 5.77
N PHE A 451 6.46 -0.34 5.98
CA PHE A 451 6.57 0.29 7.30
C PHE A 451 5.43 1.26 7.64
N ALA A 452 4.53 1.55 6.70
CA ALA A 452 3.58 2.67 6.85
C ALA A 452 2.12 2.27 6.90
N GLY A 453 1.83 0.97 6.78
CA GLY A 453 0.45 0.50 6.86
C GLY A 453 -0.41 0.94 5.71
N VAL A 454 0.22 1.13 4.55
CA VAL A 454 -0.51 1.44 3.34
C VAL A 454 0.07 0.71 2.14
N LEU A 455 -0.69 0.69 1.05
CA LEU A 455 -0.23 0.13 -0.20
C LEU A 455 0.20 1.24 -1.14
N TRP A 456 1.23 0.97 -1.94
CA TRP A 456 1.70 1.92 -2.94
C TRP A 456 1.99 1.22 -4.26
N THR A 457 1.69 1.89 -5.35
CA THR A 457 1.99 1.35 -6.67
C THR A 457 2.89 2.27 -7.45
N PRO A 458 4.03 1.75 -7.96
CA PRO A 458 4.89 2.53 -8.80
C PRO A 458 4.33 2.48 -10.24
N GLU A 459 3.36 3.35 -10.50
CA GLU A 459 2.56 3.30 -11.71
C GLU A 459 3.36 3.65 -12.96
N VAL A 460 2.83 3.23 -14.10
CA VAL A 460 3.45 3.49 -15.39
C VAL A 460 2.59 4.47 -16.16
N ARG A 461 3.20 5.50 -16.73
CA ARG A 461 2.44 6.49 -17.52
C ARG A 461 3.02 6.70 -18.91
N ALA A 462 4.22 7.25 -18.95
CA ALA A 462 4.91 7.51 -20.19
C ALA A 462 6.40 7.16 -19.99
N SER A 463 7.20 7.34 -21.03
CA SER A 463 8.62 7.05 -20.98
C SER A 463 9.24 7.60 -22.23
N LYS A 464 10.49 8.02 -22.11
CA LYS A 464 11.27 8.54 -23.21
C LYS A 464 11.92 7.47 -24.05
N SER A 465 11.89 6.22 -23.58
CA SER A 465 12.45 5.10 -24.33
C SER A 465 11.71 3.82 -24.03
N GLY A 466 11.86 2.85 -24.92
CA GLY A 466 11.30 1.50 -24.70
C GLY A 466 12.00 0.87 -23.50
N GLU A 467 13.28 1.16 -23.32
CA GLU A 467 14.04 0.62 -22.17
C GLU A 467 13.39 1.07 -20.87
N GLU A 468 13.14 2.37 -20.75
CA GLU A 468 12.54 2.90 -19.56
C GLU A 468 11.15 2.33 -19.38
N TRP A 469 10.42 2.22 -20.49
CA TRP A 469 9.06 1.67 -20.46
C TRP A 469 9.06 0.32 -19.77
N LEU A 470 9.91 -0.58 -20.26
CA LEU A 470 9.94 -1.96 -19.79
C LEU A 470 10.43 -2.08 -18.36
N ARG A 471 11.45 -1.32 -17.98
CA ARG A 471 11.92 -1.34 -16.60
C ARG A 471 10.82 -0.91 -15.65
N ARG A 472 10.09 0.13 -16.03
CA ARG A 472 8.96 0.62 -15.23
C ARG A 472 7.84 -0.44 -15.15
N PHE A 473 7.54 -1.06 -16.29
CA PHE A 473 6.51 -2.06 -16.33
C PHE A 473 6.91 -3.30 -15.52
N GLN A 474 8.20 -3.63 -15.53
CA GLN A 474 8.71 -4.77 -14.78
C GLN A 474 8.52 -4.62 -13.26
N SER A 475 8.88 -3.44 -12.74
CA SER A 475 8.74 -3.18 -11.31
C SER A 475 7.27 -3.08 -10.91
N ASN A 476 6.49 -2.46 -11.77
CA ASN A 476 5.05 -2.35 -11.56
C ASN A 476 4.27 -3.68 -11.48
N VAL A 477 4.65 -4.72 -12.25
CA VAL A 477 3.96 -6.03 -12.08
C VAL A 477 4.42 -6.79 -10.81
N PHE A 478 5.48 -6.30 -10.17
CA PHE A 478 5.87 -6.75 -8.83
C PHE A 478 5.50 -5.68 -7.77
N SER A 479 4.20 -5.36 -7.75
CA SER A 479 3.66 -4.39 -6.82
C SER A 479 2.17 -4.64 -6.62
N PRO A 480 1.53 -3.89 -5.67
CA PRO A 480 0.13 -4.01 -5.33
C PRO A 480 -0.81 -3.90 -6.50
N MET A 481 -0.44 -3.13 -7.53
CA MET A 481 -1.35 -2.86 -8.65
C MET A 481 -0.58 -2.66 -9.96
N ALA A 482 -0.88 -3.58 -10.87
CA ALA A 482 -0.36 -3.64 -12.24
C ALA A 482 -1.14 -2.73 -13.14
N MET A 483 -0.54 -1.59 -13.42
CA MET A 483 -1.24 -0.48 -14.00
C MET A 483 -0.46 0.40 -14.96
N ILE A 484 -1.09 0.72 -16.11
CA ILE A 484 -0.67 1.90 -16.90
C ILE A 484 -1.73 2.99 -16.73
N ASN A 485 -1.30 4.20 -16.34
CA ASN A 485 -2.20 5.32 -16.18
C ASN A 485 -2.05 6.28 -17.34
N ALA A 486 -2.88 6.08 -18.37
CA ALA A 486 -2.70 6.84 -19.63
C ALA A 486 -3.58 8.07 -19.73
N TRP A 487 -3.98 8.63 -18.58
CA TRP A 487 -4.89 9.77 -18.59
C TRP A 487 -4.46 10.90 -19.52
N ALA A 488 -3.15 11.15 -19.63
CA ALA A 488 -2.61 12.23 -20.46
C ALA A 488 -1.77 11.70 -21.60
N SER A 489 -1.15 10.54 -21.38
CA SER A 489 -0.23 10.01 -22.37
C SER A 489 -0.89 9.22 -23.48
N GLY A 490 -2.08 8.68 -23.25
CA GLY A 490 -2.68 7.68 -24.16
C GLY A 490 -1.90 6.41 -24.48
N THR A 491 -0.88 6.06 -23.69
CA THR A 491 -0.09 4.82 -23.94
C THR A 491 -0.89 3.52 -23.69
N LYS A 492 -0.47 2.44 -24.33
CA LYS A 492 -1.00 1.12 -24.08
C LYS A 492 0.23 0.28 -23.87
N PRO A 493 0.06 -0.96 -23.38
CA PRO A 493 1.24 -1.77 -23.07
C PRO A 493 2.19 -1.98 -24.26
N TRP A 494 1.59 -1.97 -25.46
CA TRP A 494 2.30 -2.16 -26.71
C TRP A 494 2.83 -0.88 -27.36
N SER A 495 2.78 0.28 -26.70
CA SER A 495 3.09 1.54 -27.38
C SER A 495 4.56 1.74 -27.80
N TYR A 496 5.46 0.94 -27.23
CA TYR A 496 6.88 1.01 -27.52
C TYR A 496 7.27 -0.27 -28.24
N PRO A 497 7.45 -0.20 -29.57
CA PRO A 497 7.59 -1.42 -30.34
C PRO A 497 8.88 -2.19 -30.02
N GLU A 498 9.93 -1.47 -29.62
CA GLU A 498 11.18 -2.09 -29.27
C GLU A 498 11.04 -3.17 -28.19
N VAL A 499 10.16 -2.94 -27.22
CA VAL A 499 10.10 -3.77 -26.00
C VAL A 499 8.76 -4.48 -25.90
N GLU A 500 7.97 -4.40 -26.95
CA GLU A 500 6.57 -4.83 -26.87
C GLU A 500 6.36 -6.31 -26.51
N ALA A 501 7.17 -7.20 -27.07
CA ALA A 501 7.08 -8.63 -26.76
C ALA A 501 7.39 -8.92 -25.28
N ASP A 502 8.35 -8.20 -24.71
CA ASP A 502 8.73 -8.42 -23.33
C ASP A 502 7.69 -7.85 -22.39
N VAL A 503 7.09 -6.71 -22.75
CA VAL A 503 6.01 -6.14 -21.94
C VAL A 503 4.85 -7.15 -21.85
N LYS A 504 4.43 -7.70 -23.00
CA LYS A 504 3.40 -8.72 -23.01
C LYS A 504 3.72 -9.88 -22.05
N LYS A 505 4.98 -10.32 -22.07
CA LYS A 505 5.37 -11.44 -21.23
C LYS A 505 5.19 -11.12 -19.75
N PHE A 506 5.61 -9.91 -19.33
CA PHE A 506 5.43 -9.47 -17.96
C PHE A 506 3.98 -9.23 -17.60
N ALA A 507 3.17 -8.81 -18.55
CA ALA A 507 1.72 -8.73 -18.34
C ALA A 507 1.12 -10.13 -18.11
N LEU A 508 1.54 -11.11 -18.90
CA LEU A 508 1.03 -12.46 -18.71
C LEU A 508 1.58 -13.09 -17.42
N LEU A 509 2.83 -12.81 -17.07
CA LEU A 509 3.40 -13.26 -15.79
C LEU A 509 2.52 -12.79 -14.61
N ARG A 510 2.10 -11.52 -14.65
CA ARG A 510 1.27 -10.95 -13.58
C ARG A 510 0.03 -11.79 -13.37
N MET A 511 -0.55 -12.27 -14.47
CA MET A 511 -1.69 -13.19 -14.37
C MET A 511 -1.33 -14.58 -13.80
N GLN A 512 -0.24 -15.16 -14.31
CA GLN A 512 0.23 -16.45 -13.86
C GLN A 512 0.51 -16.44 -12.35
N MET A 513 1.10 -15.35 -11.88
CA MET A 513 1.46 -15.21 -10.48
C MET A 513 0.29 -14.88 -9.54
N MET A 514 -0.92 -14.76 -10.08
CA MET A 514 -2.09 -14.30 -9.30
C MET A 514 -2.28 -15.06 -7.98
N PRO A 515 -2.13 -16.40 -7.98
CA PRO A 515 -2.30 -17.14 -6.72
C PRO A 515 -1.21 -16.82 -5.70
N TYR A 516 -0.03 -16.50 -6.19
CA TYR A 516 1.04 -16.07 -5.33
C TYR A 516 0.70 -14.72 -4.68
N TRP A 517 0.30 -13.75 -5.49
CA TRP A 517 -0.14 -12.45 -4.96
C TRP A 517 -1.40 -12.51 -4.07
N TYR A 518 -2.34 -13.40 -4.40
CA TYR A 518 -3.59 -13.47 -3.64
C TYR A 518 -3.25 -13.97 -2.24
N SER A 519 -2.45 -15.01 -2.17
CA SER A 519 -2.06 -15.58 -0.89
C SER A 519 -1.24 -14.55 -0.07
N ALA A 520 -0.38 -13.78 -0.75
CA ALA A 520 0.37 -12.72 -0.05
C ALA A 520 -0.60 -11.72 0.55
N PHE A 521 -1.60 -11.33 -0.23
CA PHE A 521 -2.60 -10.36 0.25
C PHE A 521 -3.47 -10.94 1.37
N ALA A 522 -3.78 -12.23 1.29
CA ALA A 522 -4.49 -12.88 2.40
C ALA A 522 -3.71 -12.77 3.71
N ARG A 523 -2.40 -13.06 3.68
CA ARG A 523 -1.53 -12.83 4.86
C ARG A 523 -1.54 -11.37 5.37
N TYR A 524 -1.59 -10.40 4.46
CA TYR A 524 -1.78 -9.00 4.82
C TYR A 524 -3.05 -8.79 5.64
N HIS A 525 -4.12 -9.47 5.24
CA HIS A 525 -5.41 -9.25 5.83
C HIS A 525 -5.50 -10.00 7.16
N PHE A 526 -5.13 -11.28 7.13
CA PHE A 526 -5.28 -12.16 8.27
C PHE A 526 -4.20 -12.01 9.36
N GLU A 527 -2.97 -11.69 8.96
CA GLU A 527 -1.86 -11.57 9.88
C GLU A 527 -1.20 -10.21 9.93
N GLY A 528 -1.61 -9.31 9.05
CA GLY A 528 -1.02 -7.99 9.01
C GLY A 528 0.34 -7.94 8.35
N MET A 529 0.73 -9.02 7.66
CA MET A 529 2.04 -9.08 6.98
C MET A 529 2.01 -8.25 5.67
N PRO A 530 2.77 -7.11 5.62
CA PRO A 530 2.74 -6.34 4.37
C PRO A 530 3.31 -7.13 3.20
N PRO A 531 2.62 -7.15 2.08
CA PRO A 531 3.09 -7.95 0.97
C PRO A 531 4.34 -7.43 0.27
N PHE A 532 4.64 -6.14 0.45
CA PHE A 532 5.83 -5.51 -0.09
C PHE A 532 6.53 -4.79 1.04
N ARG A 533 7.81 -5.10 1.22
CA ARG A 533 8.56 -4.52 2.34
C ARG A 533 10.05 -4.58 2.14
N GLY A 534 10.76 -3.89 3.01
CA GLY A 534 12.21 -3.74 2.88
C GLY A 534 12.98 -4.97 3.26
N MET A 535 14.30 -4.87 3.08
CA MET A 535 15.21 -5.96 3.45
C MET A 535 15.35 -6.06 4.97
N GLY A 536 15.78 -7.24 5.41
CA GLY A 536 16.02 -7.50 6.84
C GLY A 536 14.78 -7.56 7.72
N LEU A 537 13.63 -8.01 7.18
CA LEU A 537 12.36 -8.07 7.90
C LEU A 537 11.79 -9.50 7.88
N GLU A 538 12.64 -10.48 8.18
CA GLU A 538 12.26 -11.91 8.07
C GLU A 538 11.40 -12.32 9.25
N SER A 565 23.40 -3.86 7.04
CA SER A 565 23.75 -2.85 8.03
C SER A 565 23.56 -1.41 7.53
N LYS A 566 23.98 -1.11 6.30
CA LYS A 566 23.63 0.17 5.68
C LYS A 566 22.32 0.01 4.93
N GLU A 567 21.88 1.11 4.35
CA GLU A 567 20.53 1.28 3.92
C GLU A 567 20.37 0.60 2.60
N ILE A 568 19.30 -0.17 2.42
CA ILE A 568 18.98 -0.72 1.11
C ILE A 568 17.66 -0.08 0.63
N LYS A 569 17.75 0.74 -0.43
CA LYS A 569 16.65 1.57 -0.93
C LYS A 569 16.14 1.08 -2.27
N ASP A 570 16.76 0.03 -2.78
CA ASP A 570 16.49 -0.42 -4.14
C ASP A 570 16.24 -1.93 -4.28
N GLN A 571 15.85 -2.57 -3.17
CA GLN A 571 15.43 -3.97 -3.19
C GLN A 571 14.27 -4.12 -2.23
N TYR A 572 13.38 -5.07 -2.54
CA TYR A 572 12.25 -5.28 -1.68
C TYR A 572 11.81 -6.73 -1.78
N MET A 573 11.22 -7.20 -0.69
CA MET A 573 10.56 -8.52 -0.67
C MET A 573 9.17 -8.38 -1.18
N ALA A 574 8.76 -9.33 -1.98
CA ALA A 574 7.44 -9.33 -2.61
C ALA A 574 6.83 -10.70 -2.32
N GLY A 575 5.76 -10.71 -1.53
CA GLY A 575 5.38 -11.89 -0.76
C GLY A 575 6.54 -12.39 0.12
N ASP A 576 6.46 -13.66 0.54
CA ASP A 576 7.42 -14.21 1.52
C ASP A 576 8.70 -14.64 0.86
N ASP A 577 8.58 -15.01 -0.40
CA ASP A 577 9.58 -15.83 -1.09
C ASP A 577 10.52 -15.03 -2.06
N LEU A 578 10.08 -13.90 -2.59
CA LEU A 578 10.84 -13.24 -3.69
C LEU A 578 11.56 -11.98 -3.25
N LEU A 579 12.84 -11.93 -3.59
CA LEU A 579 13.63 -10.72 -3.42
C LEU A 579 13.67 -10.06 -4.79
N VAL A 580 13.19 -8.83 -4.89
CA VAL A 580 13.13 -8.08 -6.15
C VAL A 580 14.14 -6.97 -6.12
N ALA A 581 14.94 -6.90 -7.18
CA ALA A 581 16.00 -5.90 -7.29
C ALA A 581 15.90 -5.23 -8.68
N PRO A 582 15.06 -4.19 -8.81
CA PRO A 582 14.82 -3.55 -10.11
C PRO A 582 16.03 -2.90 -10.77
N MET A 583 16.03 -2.97 -12.09
CA MET A 583 16.90 -2.18 -12.93
C MET A 583 16.24 -0.85 -13.30
N PHE A 584 17.07 0.16 -13.44
CA PHE A 584 16.65 1.48 -13.86
C PHE A 584 17.24 1.79 -15.24
N ALA A 585 16.58 2.68 -15.99
CA ALA A 585 16.98 2.96 -17.38
C ALA A 585 18.38 3.54 -17.39
N GLY A 586 19.17 3.10 -18.35
CA GLY A 586 20.56 3.55 -18.47
C GLY A 586 21.56 2.69 -17.70
N GLU A 587 21.08 1.69 -16.96
CA GLU A 587 21.97 0.76 -16.28
C GLU A 587 22.02 -0.54 -17.06
N LYS A 588 23.23 -1.07 -17.20
CA LYS A 588 23.47 -2.42 -17.75
C LYS A 588 23.53 -3.45 -16.59
N SER A 589 24.05 -3.02 -15.45
CA SER A 589 24.18 -3.90 -14.29
C SER A 589 23.99 -3.21 -12.95
N ARG A 590 23.78 -4.00 -11.91
CA ARG A 590 23.55 -3.51 -10.55
C ARG A 590 24.04 -4.56 -9.58
N LYS A 591 24.29 -4.13 -8.34
CA LYS A 591 24.56 -5.04 -7.22
C LYS A 591 23.26 -5.46 -6.54
N VAL A 592 23.20 -6.74 -6.16
CA VAL A 592 22.11 -7.27 -5.34
C VAL A 592 22.71 -7.76 -4.04
N VAL A 593 22.20 -7.28 -2.91
CA VAL A 593 22.64 -7.74 -1.61
C VAL A 593 21.72 -8.86 -1.16
N LEU A 594 22.22 -10.09 -1.13
CA LEU A 594 21.41 -11.23 -0.73
C LEU A 594 21.54 -11.46 0.77
N PRO A 595 20.42 -11.68 1.48
CA PRO A 595 20.51 -12.04 2.91
C PRO A 595 21.13 -13.44 3.13
N LYS A 596 21.50 -13.75 4.37
CA LYS A 596 22.00 -15.08 4.71
C LYS A 596 21.00 -16.13 4.28
N GLY A 597 21.47 -17.34 4.05
CA GLY A 597 20.65 -18.40 3.47
C GLY A 597 20.77 -18.35 1.97
N LYS A 598 20.41 -19.44 1.31
CA LYS A 598 20.63 -19.59 -0.12
C LYS A 598 19.47 -19.05 -0.92
N TRP A 599 19.80 -18.48 -2.09
CA TRP A 599 18.83 -17.87 -3.00
C TRP A 599 19.08 -18.39 -4.42
N TYR A 600 18.00 -18.44 -5.18
CA TYR A 600 17.96 -19.02 -6.52
C TYR A 600 17.36 -18.04 -7.51
N ASP A 601 17.85 -18.07 -8.75
CA ASP A 601 17.34 -17.23 -9.82
C ASP A 601 15.91 -17.62 -10.13
N PHE A 602 15.05 -16.60 -10.14
CA PHE A 602 13.62 -16.75 -10.39
C PHE A 602 13.33 -17.34 -11.77
N TYR A 603 14.17 -17.02 -12.76
CA TYR A 603 13.93 -17.49 -14.12
C TYR A 603 14.51 -18.89 -14.38
N THR A 604 15.74 -19.15 -13.95
CA THR A 604 16.37 -20.43 -14.29
C THR A 604 16.41 -21.47 -13.15
N GLY A 605 16.10 -21.03 -11.92
CA GLY A 605 16.26 -21.87 -10.74
C GLY A 605 17.69 -22.13 -10.28
N GLU A 606 18.69 -21.56 -10.96
CA GLU A 606 20.08 -21.81 -10.58
C GLU A 606 20.46 -21.08 -9.31
N TYR A 607 21.33 -21.72 -8.53
CA TYR A 607 21.88 -21.11 -7.35
C TYR A 607 22.46 -19.73 -7.67
N ALA A 608 22.10 -18.75 -6.85
CA ALA A 608 22.51 -17.36 -7.01
C ALA A 608 23.53 -16.93 -5.98
N GLY A 609 23.43 -17.41 -4.74
CA GLY A 609 24.34 -16.96 -3.69
C GLY A 609 23.76 -17.13 -2.31
N ASP A 610 24.50 -16.70 -1.30
CA ASP A 610 24.09 -16.89 0.10
C ASP A 610 24.82 -15.85 0.91
N GLY A 611 24.09 -14.90 1.48
CA GLY A 611 24.72 -13.87 2.32
C GLY A 611 25.90 -13.18 1.66
N GLU A 612 25.69 -12.65 0.46
CA GLU A 612 26.77 -12.04 -0.32
C GLU A 612 26.21 -11.04 -1.32
N VAL A 613 27.10 -10.17 -1.83
CA VAL A 613 26.73 -9.20 -2.85
C VAL A 613 26.99 -9.81 -4.24
N LEU A 614 26.02 -9.66 -5.15
CA LEU A 614 26.19 -10.15 -6.51
C LEU A 614 26.32 -8.98 -7.46
N ASP A 615 27.12 -9.12 -8.51
CA ASP A 615 27.05 -8.19 -9.65
C ASP A 615 26.26 -8.83 -10.77
N VAL A 616 25.17 -8.17 -11.17
CA VAL A 616 24.17 -8.76 -12.09
C VAL A 616 23.96 -7.92 -13.36
N THR A 617 24.01 -8.59 -14.51
CA THR A 617 23.79 -7.98 -15.80
C THR A 617 22.67 -8.77 -16.38
N PRO A 618 21.43 -8.38 -16.07
CA PRO A 618 20.28 -9.22 -16.34
C PRO A 618 19.80 -9.20 -17.76
N GLY A 619 20.10 -8.14 -18.48
CA GLY A 619 19.51 -7.96 -19.77
C GLY A 619 18.23 -7.19 -19.63
N LEU A 620 17.83 -6.60 -20.73
CA LEU A 620 16.64 -5.80 -20.79
C LEU A 620 15.38 -6.63 -20.55
N ASP A 621 15.40 -7.91 -20.93
CA ASP A 621 14.20 -8.76 -20.83
C ASP A 621 13.94 -9.36 -19.41
N LYS A 622 14.84 -9.18 -18.45
CA LYS A 622 14.61 -9.67 -17.09
C LYS A 622 14.70 -8.56 -16.04
N ILE A 623 13.82 -8.61 -15.04
CA ILE A 623 14.04 -7.88 -13.80
C ILE A 623 14.64 -8.89 -12.81
N PRO A 624 15.76 -8.50 -12.16
CA PRO A 624 16.39 -9.37 -11.18
C PRO A 624 15.44 -9.73 -10.02
N VAL A 625 15.15 -11.03 -9.94
CA VAL A 625 14.31 -11.57 -8.88
C VAL A 625 14.95 -12.87 -8.46
N TYR A 626 15.06 -13.02 -7.16
CA TYR A 626 15.63 -14.20 -6.54
C TYR A 626 14.62 -14.80 -5.54
N VAL A 627 14.64 -16.11 -5.46
CA VAL A 627 13.74 -16.90 -4.64
C VAL A 627 14.53 -17.50 -3.47
N ARG A 628 13.97 -17.46 -2.28
CA ARG A 628 14.59 -18.11 -1.14
C ARG A 628 14.62 -19.65 -1.31
N ASP A 629 15.59 -20.27 -0.66
CA ASP A 629 15.75 -21.72 -0.70
C ASP A 629 14.46 -22.41 -0.17
N GLY A 630 13.95 -23.37 -0.94
CA GLY A 630 12.66 -23.98 -0.70
C GLY A 630 11.46 -23.10 -1.02
N GLY A 631 11.69 -21.94 -1.63
CA GLY A 631 10.60 -21.02 -1.94
C GLY A 631 9.68 -21.61 -2.98
N ILE A 632 8.41 -21.27 -2.91
CA ILE A 632 7.38 -21.82 -3.79
C ILE A 632 6.55 -20.68 -4.38
N VAL A 633 6.37 -20.71 -5.71
CA VAL A 633 5.53 -19.76 -6.42
C VAL A 633 4.46 -20.56 -7.21
N PRO A 634 3.21 -20.58 -6.72
CA PRO A 634 2.15 -21.25 -7.49
C PRO A 634 1.75 -20.43 -8.70
N MET A 635 1.66 -21.08 -9.87
CA MET A 635 1.37 -20.38 -11.13
C MET A 635 0.13 -20.95 -11.76
N MET A 636 -0.82 -20.08 -12.04
CA MET A 636 -1.98 -20.45 -12.81
C MET A 636 -1.62 -20.25 -14.30
N PRO A 637 -2.51 -20.65 -15.24
CA PRO A 637 -2.25 -20.38 -16.64
C PRO A 637 -2.25 -18.88 -16.96
N ALA A 638 -1.70 -18.51 -18.12
CA ALA A 638 -1.67 -17.12 -18.54
C ALA A 638 -3.04 -16.61 -19.04
N LEU A 639 -4.02 -16.56 -18.14
CA LEU A 639 -5.38 -16.08 -18.47
C LEU A 639 -5.37 -14.56 -18.70
N LEU A 640 -6.31 -14.11 -19.53
CA LEU A 640 -6.44 -12.69 -19.87
C LEU A 640 -7.39 -11.93 -18.92
N ASN A 641 -8.06 -12.68 -18.07
CA ASN A 641 -9.09 -12.16 -17.22
C ASN A 641 -9.00 -13.00 -15.94
N SER A 642 -9.24 -12.37 -14.79
CA SER A 642 -9.13 -13.10 -13.54
C SER A 642 -10.24 -14.16 -13.50
N PRO A 643 -9.95 -15.33 -12.94
CA PRO A 643 -10.96 -16.39 -13.00
C PRO A 643 -12.15 -16.15 -12.07
N LYS A 644 -13.31 -16.66 -12.48
CA LYS A 644 -14.55 -16.51 -11.73
C LYS A 644 -14.56 -17.38 -10.49
N SER A 645 -15.48 -17.10 -9.57
CA SER A 645 -15.52 -17.86 -8.32
C SER A 645 -16.01 -19.29 -8.54
N ASN A 646 -16.80 -19.53 -9.56
CA ASN A 646 -17.31 -20.88 -9.84
C ASN A 646 -16.39 -21.66 -10.76
N GLN A 647 -15.11 -21.27 -10.83
CA GLN A 647 -14.20 -21.72 -11.88
C GLN A 647 -12.96 -22.36 -11.27
N LYS A 648 -12.57 -23.53 -11.78
CA LYS A 648 -11.39 -24.20 -11.28
C LYS A 648 -10.20 -23.85 -12.14
N VAL A 649 -9.02 -23.75 -11.54
CA VAL A 649 -7.84 -23.31 -12.27
C VAL A 649 -6.65 -24.22 -11.94
N ASP A 650 -5.91 -24.63 -12.96
CA ASP A 650 -4.76 -25.50 -12.74
C ASP A 650 -3.59 -24.68 -12.23
N LEU A 651 -2.75 -25.33 -11.45
CA LEU A 651 -1.61 -24.67 -10.86
C LEU A 651 -0.39 -25.51 -11.11
N GLU A 652 0.70 -24.83 -11.48
CA GLU A 652 2.01 -25.40 -11.48
C GLU A 652 2.74 -24.77 -10.29
N ILE A 653 3.19 -25.64 -9.41
CA ILE A 653 3.91 -25.25 -8.22
C ILE A 653 5.38 -25.19 -8.58
N ARG A 654 5.93 -23.99 -8.63
CA ARG A 654 7.34 -23.86 -8.95
C ARG A 654 8.12 -23.75 -7.66
N TYR A 655 8.99 -24.75 -7.46
CA TYR A 655 9.71 -24.98 -6.22
C TYR A 655 11.19 -24.71 -6.47
N TYR A 656 11.79 -23.83 -5.67
CA TYR A 656 13.17 -23.40 -5.85
C TYR A 656 14.09 -23.97 -4.76
N GLY A 657 15.32 -24.26 -5.14
CA GLY A 657 16.31 -24.80 -4.21
C GLY A 657 16.13 -26.28 -3.88
N ASN A 658 16.68 -26.66 -2.72
CA ASN A 658 16.57 -28.02 -2.20
C ASN A 658 16.04 -28.12 -0.79
N LYS A 659 15.94 -27.01 -0.07
CA LYS A 659 15.37 -27.07 1.27
C LYS A 659 13.89 -27.42 1.14
N PRO A 660 13.39 -28.35 1.96
CA PRO A 660 11.99 -28.70 1.83
C PRO A 660 11.14 -27.44 2.01
N GLY A 661 10.11 -27.29 1.18
CA GLY A 661 9.37 -26.04 1.11
C GLY A 661 7.93 -26.24 1.51
N GLU A 662 7.31 -25.15 1.99
CA GLU A 662 5.94 -25.16 2.49
C GLU A 662 5.30 -23.84 2.15
N PHE A 663 4.16 -23.87 1.50
CA PHE A 663 3.48 -22.66 1.10
C PHE A 663 1.99 -22.81 1.43
N LYS A 664 1.38 -21.75 1.97
CA LYS A 664 -0.05 -21.77 2.30
C LYS A 664 -0.84 -21.02 1.27
N LEU A 665 -1.57 -21.77 0.45
CA LEU A 665 -2.33 -21.19 -0.62
C LEU A 665 -3.70 -20.77 -0.14
N TYR A 666 -4.03 -19.49 -0.28
CA TYR A 666 -5.35 -18.98 0.10
C TYR A 666 -6.39 -19.20 -1.01
N ASP A 667 -7.61 -19.54 -0.60
CA ASP A 667 -8.67 -19.85 -1.57
C ASP A 667 -10.06 -19.53 -1.00
N ASP A 668 -10.85 -18.81 -1.78
CA ASP A 668 -12.25 -18.45 -1.52
C ASP A 668 -12.84 -17.94 -2.84
N ASP A 669 -14.03 -17.35 -2.80
CA ASP A 669 -14.71 -16.91 -4.00
C ASP A 669 -14.07 -15.69 -4.66
N GLY A 670 -13.10 -15.06 -4.00
CA GLY A 670 -12.36 -13.98 -4.60
C GLY A 670 -13.10 -12.68 -4.87
N GLU A 671 -14.31 -12.49 -4.34
CA GLU A 671 -15.07 -11.29 -4.68
C GLU A 671 -16.14 -10.79 -3.71
N THR A 672 -16.55 -11.61 -2.74
CA THR A 672 -17.53 -11.20 -1.76
C THR A 672 -16.90 -11.17 -0.40
N PHE A 673 -17.71 -10.80 0.60
CA PHE A 673 -17.30 -10.92 2.00
C PHE A 673 -17.73 -12.21 2.71
N ASN A 674 -18.08 -13.26 1.95
CA ASN A 674 -18.36 -14.58 2.54
C ASN A 674 -17.25 -15.15 3.40
N TYR A 675 -16.01 -14.78 3.12
CA TYR A 675 -14.90 -15.21 3.95
C TYR A 675 -15.05 -14.85 5.42
N GLU A 676 -15.76 -13.75 5.68
CA GLU A 676 -16.04 -13.29 7.05
C GLU A 676 -16.96 -14.26 7.80
N LYS A 677 -17.70 -15.07 7.05
CA LYS A 677 -18.53 -16.14 7.62
C LYS A 677 -17.75 -17.46 7.66
N GLY A 678 -16.46 -17.44 7.33
CA GLY A 678 -15.63 -18.63 7.34
C GLY A 678 -15.57 -19.40 6.04
N ASP A 679 -16.10 -18.84 4.95
CA ASP A 679 -15.99 -19.53 3.67
C ASP A 679 -14.67 -19.24 2.94
N PHE A 680 -13.59 -19.76 3.50
CA PHE A 680 -12.25 -19.67 2.90
C PHE A 680 -11.45 -20.87 3.38
N SER A 681 -10.35 -21.17 2.69
CA SER A 681 -9.44 -22.28 3.02
C SER A 681 -7.99 -21.84 2.91
N TRP A 682 -7.12 -22.49 3.67
CA TRP A 682 -5.71 -22.44 3.42
C TRP A 682 -5.31 -23.84 2.98
N ARG A 683 -4.85 -23.98 1.75
CA ARG A 683 -4.33 -25.27 1.25
C ARG A 683 -2.84 -25.29 1.45
N THR A 684 -2.36 -26.23 2.27
CA THR A 684 -0.93 -26.35 2.55
C THR A 684 -0.24 -27.17 1.46
N ILE A 685 0.84 -26.60 0.95
CA ILE A 685 1.61 -27.17 -0.16
C ILE A 685 3.05 -27.43 0.31
N ARG A 686 3.51 -28.64 0.11
CA ARG A 686 4.85 -29.02 0.50
C ARG A 686 5.53 -29.62 -0.68
N VAL A 687 6.80 -29.27 -0.84
CA VAL A 687 7.56 -29.74 -1.98
C VAL A 687 8.97 -30.01 -1.49
N GLU A 688 9.55 -31.09 -1.97
CA GLU A 688 10.98 -31.29 -1.87
C GLU A 688 11.48 -32.21 -3.01
N LYS A 689 12.77 -32.51 -3.03
CA LYS A 689 13.30 -33.49 -3.99
C LYS A 689 13.62 -34.76 -3.24
N ASP A 690 13.34 -35.90 -3.86
CA ASP A 690 13.64 -37.17 -3.24
C ASP A 690 15.12 -37.55 -3.41
N LYS A 691 15.43 -38.80 -3.05
CA LYS A 691 16.74 -39.44 -3.26
C LYS A 691 17.28 -39.21 -4.67
N SER A 692 16.52 -39.62 -5.68
CA SER A 692 16.93 -39.49 -7.08
C SER A 692 17.10 -38.04 -7.55
N GLY A 693 16.88 -37.08 -6.67
CA GLY A 693 16.77 -35.69 -7.07
C GLY A 693 15.48 -35.39 -7.82
N LYS A 694 14.46 -36.24 -7.70
CA LYS A 694 13.17 -36.01 -8.38
C LYS A 694 12.19 -35.26 -7.48
N VAL A 695 11.55 -34.22 -8.02
CA VAL A 695 10.57 -33.42 -7.27
C VAL A 695 9.50 -34.33 -6.65
N LYS A 696 9.10 -33.98 -5.42
CA LYS A 696 8.06 -34.67 -4.67
C LYS A 696 7.21 -33.61 -3.93
N GLY A 697 5.92 -33.55 -4.22
CA GLY A 697 5.10 -32.50 -3.62
C GLY A 697 3.74 -32.98 -3.17
N SER A 698 3.12 -32.24 -2.24
CA SER A 698 1.79 -32.54 -1.76
C SER A 698 1.00 -31.26 -1.64
N ILE A 699 -0.32 -31.40 -1.72
CA ILE A 699 -1.20 -30.31 -1.37
C ILE A 699 -2.26 -30.90 -0.47
N SER A 700 -2.57 -30.21 0.62
CA SER A 700 -3.56 -30.66 1.58
C SER A 700 -4.93 -30.73 0.94
N ALA A 701 -5.84 -31.52 1.50
CA ALA A 701 -7.12 -31.81 0.85
C ALA A 701 -8.08 -30.66 1.02
N ALA A 702 -8.94 -30.47 0.02
CA ALA A 702 -9.92 -29.43 0.06
C ALA A 702 -10.90 -29.71 1.20
N VAL A 703 -11.43 -28.64 1.78
CA VAL A 703 -12.22 -28.71 2.98
C VAL A 703 -13.70 -28.79 2.60
N LYS A 704 -14.39 -29.73 3.23
CA LYS A 704 -15.82 -29.98 2.97
C LYS A 704 -16.61 -28.70 3.11
N GLY A 705 -17.46 -28.42 2.12
CA GLY A 705 -18.33 -27.27 2.16
C GLY A 705 -17.68 -25.94 1.82
N LYS A 706 -16.35 -25.91 1.61
CA LYS A 706 -15.70 -24.65 1.28
C LYS A 706 -15.58 -24.46 -0.23
N VAL A 707 -15.48 -23.19 -0.65
CA VAL A 707 -15.10 -22.84 -2.06
C VAL A 707 -13.82 -23.59 -2.39
N ASN A 708 -13.74 -24.13 -3.59
CA ASN A 708 -12.52 -24.76 -4.07
C ASN A 708 -12.28 -24.44 -5.54
N THR A 709 -11.36 -23.50 -5.79
CA THR A 709 -11.02 -23.15 -7.15
C THR A 709 -9.74 -23.86 -7.61
N VAL A 710 -9.17 -24.72 -6.78
CA VAL A 710 -7.94 -25.41 -7.16
C VAL A 710 -8.20 -26.60 -8.08
N GLY A 711 -7.63 -26.53 -9.28
CA GLY A 711 -7.80 -27.59 -10.28
C GLY A 711 -6.69 -28.61 -10.20
N LYS A 712 -6.09 -28.88 -11.35
CA LYS A 712 -5.01 -29.85 -11.43
C LYS A 712 -3.71 -29.19 -10.93
N VAL A 713 -2.99 -29.91 -10.05
CA VAL A 713 -1.75 -29.43 -9.45
C VAL A 713 -0.57 -30.29 -9.88
N THR A 714 0.46 -29.65 -10.44
CA THR A 714 1.68 -30.31 -10.78
C THR A 714 2.82 -29.51 -10.16
N PHE A 715 3.95 -30.17 -10.00
CA PHE A 715 5.07 -29.64 -9.27
C PHE A 715 6.28 -29.62 -10.18
N THR A 716 7.11 -28.57 -10.03
CA THR A 716 8.28 -28.39 -10.85
C THR A 716 9.43 -27.95 -9.99
N ALA A 717 10.52 -28.69 -10.09
CA ALA A 717 11.71 -28.37 -9.34
C ALA A 717 12.48 -27.45 -10.23
N MET A 718 12.58 -26.17 -9.87
CA MET A 718 13.26 -25.18 -10.72
C MET A 718 14.76 -25.33 -10.70
N THR A 719 15.30 -25.76 -9.56
CA THR A 719 16.74 -25.88 -9.39
C THR A 719 17.18 -27.29 -9.85
N LYS A 720 17.61 -27.38 -11.11
CA LYS A 720 18.18 -28.60 -11.69
C LYS A 720 19.43 -29.07 -11.00
#